data_2PI5
#
_entry.id   2PI5
#
_cell.length_a   224.450
_cell.length_b   73.791
_cell.length_c   80.315
_cell.angle_alpha   90.00
_cell.angle_beta   90.00
_cell.angle_gamma   90.00
#
_symmetry.space_group_name_H-M   'P 21 21 2'
#
loop_
_entity.id
_entity.type
_entity.pdbx_description
1 polymer "5'-D(*CP*TP*TP*C*CP*TP*AP*TP*AP*GP*TP*GP*AP*GP*TP*CP*GP*TP*AP*TP*TP*A)-3'"
2 polymer "5'-D(*TP*AP*AP*TP*AP*CP*GP*AP*CP*TP*CP*AP*CP*T)-3'"
3 polymer 'DNA-directed RNA polymerase'
#
loop_
_entity_poly.entity_id
_entity_poly.type
_entity_poly.pdbx_seq_one_letter_code
_entity_poly.pdbx_strand_id
1 'polydeoxyribonucleotide'
;(DC)(DT)(DT)(DC)(DC)(DT)(DA)(DT)(DA)(DG)(DT)(DG)(DA)(DG)(DT)(DC)(DG)(DT)(DA)(DT)
(DT)(DA)
;
T
2 'polydeoxyribonucleotide' (DT)(DA)(DA)(DT)(DA)(DC)(DG)(DA)(DC)(DT)(DC)(DA)(DC)(DT) P
3 'polypeptide(L)'
;IAKNDFSDIELAAIPFNTLADHYGERLAREQLALEHESYEMGEARFRKMFERQLKAGEVADNAAAKPLITTLLPKMIARI
NDWFEEVKAKRGKRPTAFQFLQEIKPEAVAYITIKTTLACLTSADNTTVQAVASAIGRAIEDEARFGRIRDLEAKHFKKN
VEEQLNKRVGHVYKKAFMQVVEADMLSKGLLGGEAWSSWHKEDSIHVGVRCIEMLIESTGMVSLHRQNAGVVGQDSETIE
LAPEYAEAIATRAGALAGISPMFQPCVVPPKPWTGITGGGYWANGRRPLALVRTHSKKALMRYEDVYMPEVYKAINIAQN
TAWKINKKVLAVANVITKWKHCPVEDIPAIEREELPMKPEDIDMNPEALTAWKRAAAAVYRKDKARKSRRISLEFMLEQA
NKFANHKAIWFPYNMDWRGRVYAVSMFNPQGNDMTKGLLTLAKGKPIGKEGYYWLKIHGANCAGVDKVPFPERIKFIEEN
HENIMACAKSPLENTWWAEQDSPFCFLAFCFEYAGVQHHGLSYNCSLPLAFDGSCSGIQHFSAMLRDEVGGRAVNLLPSE
TVQDIYGIVAKKVNEILQADAINGTDNEVVTVTDENTGEISEKVKLGTKALAGQWLAYGVTRSVTKRSVMTLAYGSKEFG
FRQQVLEDTIQPAIDSGKGLMFTQPNQAAGYMAKLIWESVSVTVVAAVEAMNWLKSAAKLLAAEVKDKKTGEILRKRCAV
HWVTPDGFPVWQEYKKPIQTRLNLMFLGQFRLQPTINTNKDSEIDAHKQESGIAPNFVHSQDGSHLRKTVVWAHEKYGIE
SFALIHDSFGTIPADAANLFKAVRETMVDTYESCDVLADFYDQFADQLHESQLDKMPALPAKGNLNLRDILESDFAFA
;
A
#
loop_
_chem_comp.id
_chem_comp.type
_chem_comp.name
_chem_comp.formula
DA DNA linking 2'-DEOXYADENOSINE-5'-MONOPHOSPHATE 'C10 H14 N5 O6 P'
DC DNA linking 2'-DEOXYCYTIDINE-5'-MONOPHOSPHATE 'C9 H14 N3 O7 P'
DG DNA linking 2'-DEOXYGUANOSINE-5'-MONOPHOSPHATE 'C10 H14 N5 O7 P'
DT DNA linking THYMIDINE-5'-MONOPHOSPHATE 'C10 H15 N2 O8 P'
#
# COMPACT_ATOMS: atom_id res chain seq x y z
N ILE C 1 12.27 -29.96 -10.47
CA ILE C 1 12.63 -28.61 -9.95
C ILE C 1 13.65 -27.93 -10.87
N ALA C 2 13.49 -26.61 -11.07
CA ALA C 2 14.41 -25.84 -11.91
C ALA C 2 15.81 -26.03 -11.36
N LYS C 3 15.97 -25.80 -10.05
CA LYS C 3 17.26 -25.93 -9.40
C LYS C 3 17.71 -27.38 -9.36
N ASN C 4 19.03 -27.60 -9.38
CA ASN C 4 19.59 -28.94 -9.34
C ASN C 4 19.43 -29.66 -10.69
N ASP C 5 18.18 -29.84 -11.10
CA ASP C 5 17.89 -30.53 -12.33
C ASP C 5 18.63 -29.97 -13.54
N PHE C 6 18.69 -28.65 -13.65
CA PHE C 6 19.36 -28.05 -14.78
C PHE C 6 20.70 -27.43 -14.40
N SER C 7 21.48 -27.07 -15.41
CA SER C 7 22.81 -26.47 -15.22
C SER C 7 22.73 -24.96 -15.41
N ASP C 8 23.62 -24.22 -14.75
CA ASP C 8 23.61 -22.77 -14.85
C ASP C 8 23.38 -22.27 -16.28
N ILE C 9 24.14 -22.79 -17.24
CA ILE C 9 24.03 -22.37 -18.64
C ILE C 9 22.64 -22.55 -19.25
N GLU C 10 21.96 -23.62 -18.89
CA GLU C 10 20.64 -23.88 -19.42
C GLU C 10 19.68 -22.88 -18.81
N LEU C 11 19.61 -22.89 -17.48
CA LEU C 11 18.74 -21.99 -16.75
C LEU C 11 18.87 -20.57 -17.22
N ALA C 12 20.07 -20.19 -17.64
CA ALA C 12 20.29 -18.84 -18.11
C ALA C 12 19.78 -18.64 -19.52
N ALA C 13 19.51 -19.74 -20.22
CA ALA C 13 19.01 -19.66 -21.59
C ALA C 13 17.51 -19.88 -21.71
N ILE C 14 16.96 -20.76 -20.88
CA ILE C 14 15.52 -21.11 -20.88
C ILE C 14 14.50 -19.96 -20.90
N PRO C 15 14.62 -18.99 -19.99
CA PRO C 15 13.66 -17.88 -20.01
C PRO C 15 13.58 -17.20 -21.38
N PHE C 16 14.73 -16.75 -21.88
CA PHE C 16 14.83 -16.05 -23.17
C PHE C 16 14.10 -16.76 -24.29
N ASN C 17 14.39 -18.04 -24.45
CA ASN C 17 13.78 -18.86 -25.48
C ASN C 17 12.27 -18.95 -25.31
N THR C 18 11.85 -19.49 -24.18
CA THR C 18 10.42 -19.65 -23.91
C THR C 18 9.73 -18.31 -24.06
N LEU C 19 10.52 -17.25 -24.17
CA LEU C 19 9.94 -15.92 -24.29
C LEU C 19 10.20 -15.33 -25.66
N ALA C 20 11.07 -15.97 -26.43
CA ALA C 20 11.37 -15.48 -27.76
C ALA C 20 10.37 -16.06 -28.76
N ASP C 21 10.01 -17.33 -28.56
CA ASP C 21 9.05 -17.96 -29.44
C ASP C 21 7.79 -17.12 -29.42
N HIS C 22 7.36 -16.74 -28.23
CA HIS C 22 6.18 -15.92 -28.10
C HIS C 22 6.69 -14.49 -28.09
N TYR C 23 5.85 -13.55 -28.54
CA TYR C 23 6.21 -12.13 -28.53
C TYR C 23 7.41 -11.69 -29.38
N GLY C 24 8.21 -12.63 -29.86
CA GLY C 24 9.34 -12.25 -30.68
C GLY C 24 10.65 -12.19 -29.95
N GLU C 25 11.73 -12.01 -30.71
CA GLU C 25 13.08 -11.94 -30.17
C GLU C 25 13.40 -10.53 -29.69
N ARG C 26 12.86 -9.54 -30.38
CA ARG C 26 13.11 -8.15 -30.04
C ARG C 26 12.72 -7.79 -28.60
N LEU C 27 11.53 -8.23 -28.20
CA LEU C 27 10.99 -7.99 -26.86
C LEU C 27 11.56 -8.98 -25.86
N ALA C 28 11.78 -10.20 -26.31
CA ALA C 28 12.32 -11.20 -25.42
C ALA C 28 13.45 -10.58 -24.63
N ARG C 29 14.41 -9.98 -25.33
CA ARG C 29 15.54 -9.37 -24.66
C ARG C 29 15.15 -8.13 -23.86
N GLU C 30 14.21 -7.36 -24.38
CA GLU C 30 13.77 -6.18 -23.69
C GLU C 30 13.21 -6.53 -22.33
N GLN C 31 12.56 -7.68 -22.23
CA GLN C 31 12.00 -8.10 -20.96
C GLN C 31 13.09 -8.45 -19.96
N LEU C 32 13.99 -9.35 -20.35
CA LEU C 32 15.04 -9.73 -19.44
C LEU C 32 15.90 -8.49 -19.17
N ALA C 33 16.41 -7.86 -20.22
CA ALA C 33 17.22 -6.67 -20.05
C ALA C 33 16.64 -5.78 -18.96
N LEU C 34 15.38 -5.38 -19.16
CA LEU C 34 14.68 -4.51 -18.22
C LEU C 34 14.70 -5.05 -16.81
N GLU C 35 14.41 -6.33 -16.66
CA GLU C 35 14.42 -6.92 -15.34
C GLU C 35 15.81 -6.85 -14.74
N HIS C 36 16.85 -7.11 -15.54
CA HIS C 36 18.24 -7.10 -15.05
C HIS C 36 18.68 -5.79 -14.45
N GLU C 37 17.94 -4.72 -14.74
CA GLU C 37 18.24 -3.39 -14.21
C GLU C 37 18.09 -3.39 -12.69
N SER C 38 17.34 -4.33 -12.15
CA SER C 38 17.13 -4.40 -10.71
C SER C 38 18.44 -4.65 -9.99
N TYR C 39 19.47 -5.02 -10.73
CA TYR C 39 20.76 -5.33 -10.13
C TYR C 39 21.96 -4.54 -10.66
N GLU C 40 21.97 -4.25 -11.95
CA GLU C 40 23.09 -3.52 -12.53
C GLU C 40 22.68 -2.61 -13.66
N MET C 41 23.36 -1.47 -13.77
CA MET C 41 23.10 -0.50 -14.82
C MET C 41 23.83 -0.96 -16.06
N GLY C 42 23.22 -0.78 -17.22
CA GLY C 42 23.83 -1.19 -18.47
C GLY C 42 24.90 -0.26 -19.00
N GLU C 43 26.04 -0.83 -19.38
CA GLU C 43 27.14 -0.03 -19.92
C GLU C 43 26.62 0.89 -21.00
N ALA C 44 26.24 0.32 -22.14
CA ALA C 44 25.73 1.12 -23.25
C ALA C 44 24.68 2.10 -22.74
N ARG C 45 23.63 1.56 -22.13
CA ARG C 45 22.54 2.37 -21.60
C ARG C 45 23.02 3.57 -20.79
N PHE C 46 24.05 3.37 -19.97
CA PHE C 46 24.61 4.44 -19.14
C PHE C 46 25.30 5.49 -20.00
N ARG C 47 26.37 5.06 -20.66
CA ARG C 47 27.16 5.89 -21.55
C ARG C 47 26.27 6.70 -22.49
N LYS C 48 25.17 6.10 -22.92
CA LYS C 48 24.24 6.74 -23.82
C LYS C 48 23.67 8.03 -23.24
N MET C 49 23.80 8.22 -21.93
CA MET C 49 23.27 9.42 -21.29
C MET C 49 24.22 10.61 -21.34
N PHE C 50 25.14 10.61 -22.30
CA PHE C 50 26.11 11.69 -22.46
C PHE C 50 26.00 12.34 -23.84
N PRO C 67 21.61 13.91 -16.11
CA PRO C 67 20.87 13.18 -15.06
C PRO C 67 21.77 12.95 -13.86
N LEU C 68 21.18 12.65 -12.72
CA LEU C 68 22.00 12.46 -11.52
C LEU C 68 22.93 11.28 -11.60
N ILE C 69 22.37 10.13 -11.97
CA ILE C 69 23.12 8.87 -12.06
C ILE C 69 24.49 8.97 -12.71
N THR C 70 24.57 9.82 -13.72
CA THR C 70 25.83 9.99 -14.42
C THR C 70 26.97 10.46 -13.55
N THR C 71 26.67 10.87 -12.33
CA THR C 71 27.76 11.32 -11.48
C THR C 71 27.88 10.37 -10.30
N LEU C 72 26.75 9.97 -9.73
CA LEU C 72 26.73 9.08 -8.59
C LEU C 72 27.42 7.76 -8.92
N LEU C 73 26.84 7.01 -9.84
CA LEU C 73 27.39 5.72 -10.21
C LEU C 73 28.91 5.65 -10.28
N PRO C 74 29.54 6.40 -11.20
CA PRO C 74 31.00 6.34 -11.29
C PRO C 74 31.76 6.58 -9.97
N LYS C 75 31.35 7.57 -9.19
CA LYS C 75 32.04 7.85 -7.94
C LYS C 75 31.77 6.74 -6.96
N MET C 76 30.57 6.20 -7.00
CA MET C 76 30.23 5.12 -6.09
C MET C 76 31.08 3.92 -6.40
N ILE C 77 31.11 3.56 -7.67
CA ILE C 77 31.86 2.38 -8.08
C ILE C 77 33.33 2.42 -7.73
N ALA C 78 33.94 3.57 -7.93
CA ALA C 78 35.34 3.72 -7.62
C ALA C 78 35.55 3.51 -6.12
N ARG C 79 34.65 4.03 -5.28
CA ARG C 79 34.82 3.91 -3.83
C ARG C 79 34.78 2.50 -3.31
N ILE C 80 34.03 1.64 -3.99
CA ILE C 80 33.95 0.25 -3.55
C ILE C 80 35.28 -0.46 -3.76
N ASN C 81 36.00 -0.07 -4.79
CA ASN C 81 37.28 -0.69 -5.08
C ASN C 81 38.29 -0.19 -4.09
N ASP C 82 38.32 1.12 -3.89
CA ASP C 82 39.27 1.71 -2.96
C ASP C 82 39.21 1.03 -1.64
N TRP C 83 37.99 0.78 -1.18
CA TRP C 83 37.76 0.14 0.11
C TRP C 83 38.29 -1.28 0.10
N PHE C 84 38.03 -2.00 -0.97
CA PHE C 84 38.49 -3.37 -1.06
C PHE C 84 40.00 -3.48 -0.91
N GLU C 85 40.74 -2.45 -1.35
CA GLU C 85 42.19 -2.45 -1.21
C GLU C 85 42.58 -2.10 0.22
N GLU C 86 41.86 -1.13 0.77
CA GLU C 86 42.08 -0.71 2.13
C GLU C 86 41.94 -1.88 3.06
N VAL C 87 40.85 -2.63 2.90
CA VAL C 87 40.58 -3.79 3.74
C VAL C 87 41.61 -4.89 3.64
N LYS C 88 42.08 -5.15 2.44
CA LYS C 88 43.06 -6.21 2.25
C LYS C 88 44.45 -5.78 2.70
N ALA C 89 44.80 -4.54 2.45
CA ALA C 89 46.13 -4.06 2.81
C ALA C 89 46.42 -4.08 4.31
N LYS C 90 45.39 -4.31 5.11
CA LYS C 90 45.52 -4.33 6.57
C LYS C 90 45.50 -5.72 7.19
N ARG C 91 46.35 -5.95 8.18
CA ARG C 91 46.41 -7.24 8.86
C ARG C 91 45.16 -7.37 9.72
N GLY C 92 45.12 -8.42 10.53
CA GLY C 92 43.99 -8.65 11.42
C GLY C 92 42.63 -8.82 10.79
N LYS C 93 41.65 -9.05 11.66
CA LYS C 93 40.25 -9.23 11.29
C LYS C 93 39.79 -8.29 10.17
N ARG C 94 38.94 -8.80 9.28
CA ARG C 94 38.42 -8.00 8.18
C ARG C 94 36.96 -7.67 8.51
N PRO C 95 36.45 -6.48 8.16
CA PRO C 95 35.06 -6.14 8.46
C PRO C 95 34.09 -7.18 7.88
N THR C 96 33.09 -7.56 8.68
CA THR C 96 32.13 -8.57 8.25
C THR C 96 31.50 -8.29 6.90
N ALA C 97 31.18 -7.03 6.64
CA ALA C 97 30.56 -6.68 5.38
C ALA C 97 31.41 -7.18 4.23
N PHE C 98 32.72 -6.97 4.34
CA PHE C 98 33.66 -7.40 3.31
C PHE C 98 33.31 -8.84 2.87
N GLN C 99 33.57 -9.79 3.76
CA GLN C 99 33.30 -11.20 3.53
C GLN C 99 32.18 -11.47 2.54
N PHE C 100 31.06 -10.77 2.70
CA PHE C 100 29.95 -11.00 1.80
C PHE C 100 30.09 -10.17 0.55
N LEU C 101 30.38 -8.90 0.72
CA LEU C 101 30.50 -7.99 -0.40
C LEU C 101 31.63 -8.24 -1.41
N GLN C 102 32.76 -8.77 -0.95
CA GLN C 102 33.91 -9.01 -1.81
C GLN C 102 33.56 -9.88 -3.01
N GLU C 103 32.68 -10.86 -2.79
CA GLU C 103 32.25 -11.77 -3.83
C GLU C 103 31.51 -11.07 -4.97
N ILE C 104 30.58 -10.19 -4.62
CA ILE C 104 29.76 -9.48 -5.58
C ILE C 104 30.52 -8.47 -6.43
N LYS C 105 30.01 -8.26 -7.64
CA LYS C 105 30.59 -7.33 -8.59
C LYS C 105 30.36 -5.88 -8.17
N PRO C 106 31.42 -5.05 -8.11
CA PRO C 106 31.23 -3.67 -7.70
C PRO C 106 30.22 -2.87 -8.54
N GLU C 107 30.11 -3.16 -9.83
CA GLU C 107 29.16 -2.41 -10.62
C GLU C 107 27.73 -2.65 -10.16
N ALA C 108 27.48 -3.82 -9.57
CA ALA C 108 26.14 -4.17 -9.10
C ALA C 108 25.89 -3.64 -7.69
N VAL C 109 26.89 -3.74 -6.83
CA VAL C 109 26.79 -3.26 -5.45
C VAL C 109 26.48 -1.78 -5.43
N ALA C 110 27.18 -1.02 -6.26
CA ALA C 110 26.97 0.42 -6.31
C ALA C 110 25.56 0.77 -6.76
N TYR C 111 25.14 0.20 -7.88
CA TYR C 111 23.82 0.49 -8.41
C TYR C 111 22.73 0.10 -7.43
N ILE C 112 22.79 -1.13 -6.94
CA ILE C 112 21.80 -1.60 -6.02
C ILE C 112 21.66 -0.61 -4.87
N THR C 113 22.80 -0.12 -4.38
CA THR C 113 22.78 0.82 -3.29
C THR C 113 22.10 2.12 -3.67
N ILE C 114 22.71 2.90 -4.56
CA ILE C 114 22.10 4.15 -5.00
C ILE C 114 20.62 3.98 -5.22
N LYS C 115 20.29 3.11 -6.17
CA LYS C 115 18.91 2.81 -6.54
C LYS C 115 18.02 2.58 -5.35
N THR C 116 18.41 1.63 -4.51
CA THR C 116 17.66 1.26 -3.32
C THR C 116 17.57 2.31 -2.25
N THR C 117 18.61 3.11 -2.11
CA THR C 117 18.60 4.13 -1.09
C THR C 117 17.48 5.11 -1.41
N LEU C 118 17.47 5.60 -2.65
CA LEU C 118 16.48 6.56 -3.12
C LEU C 118 15.07 6.05 -2.95
N ALA C 119 14.84 4.83 -3.38
CA ALA C 119 13.53 4.24 -3.25
C ALA C 119 13.13 4.30 -1.78
N CYS C 120 14.06 4.01 -0.87
CA CYS C 120 13.69 4.05 0.53
C CYS C 120 13.35 5.45 0.98
N LEU C 121 13.99 6.45 0.38
CA LEU C 121 13.72 7.80 0.77
C LEU C 121 12.36 8.27 0.30
N THR C 122 11.55 7.37 -0.23
CA THR C 122 10.22 7.79 -0.65
C THR C 122 9.30 7.71 0.55
N SER C 123 9.68 6.93 1.55
CA SER C 123 8.87 6.80 2.73
C SER C 123 9.03 8.02 3.62
N ALA C 124 7.94 8.75 3.83
CA ALA C 124 8.00 9.94 4.68
C ALA C 124 8.25 9.63 6.15
N ASP C 125 8.19 8.36 6.51
CA ASP C 125 8.36 8.01 7.91
C ASP C 125 9.55 7.15 8.26
N ASN C 126 9.50 5.89 7.83
CA ASN C 126 10.57 4.94 8.12
C ASN C 126 11.83 5.05 7.28
N THR C 127 12.65 6.06 7.55
CA THR C 127 13.92 6.23 6.84
C THR C 127 15.02 6.07 7.85
N THR C 128 14.83 5.15 8.79
CA THR C 128 15.84 4.89 9.80
C THR C 128 16.86 4.00 9.19
N VAL C 129 18.11 4.22 9.61
CA VAL C 129 19.25 3.49 9.11
C VAL C 129 19.01 1.98 9.01
N GLN C 130 18.12 1.44 9.84
CA GLN C 130 17.85 0.01 9.76
C GLN C 130 16.97 -0.36 8.59
N ALA C 131 15.96 0.45 8.31
CA ALA C 131 15.07 0.17 7.19
C ALA C 131 15.87 0.23 5.91
N VAL C 132 16.70 1.25 5.81
CA VAL C 132 17.49 1.40 4.62
C VAL C 132 18.53 0.35 4.49
N ALA C 133 19.24 0.11 5.59
CA ALA C 133 20.31 -0.86 5.60
C ALA C 133 19.75 -2.20 5.27
N SER C 134 18.60 -2.50 5.84
CA SER C 134 18.01 -3.81 5.58
C SER C 134 17.66 -4.05 4.13
N ALA C 135 17.20 -3.01 3.45
CA ALA C 135 16.80 -3.10 2.05
C ALA C 135 17.97 -3.40 1.17
N ILE C 136 19.08 -2.75 1.48
CA ILE C 136 20.25 -2.95 0.68
C ILE C 136 20.75 -4.40 0.80
N GLY C 137 20.88 -4.88 2.03
CA GLY C 137 21.33 -6.25 2.21
C GLY C 137 20.41 -7.24 1.52
N ARG C 138 19.11 -6.97 1.58
CA ARG C 138 18.14 -7.87 0.96
C ARG C 138 18.30 -7.99 -0.55
N ALA C 139 18.81 -6.94 -1.18
CA ALA C 139 19.00 -6.95 -2.63
C ALA C 139 20.44 -7.28 -2.97
N ILE C 140 21.38 -6.85 -2.14
CA ILE C 140 22.78 -7.16 -2.42
C ILE C 140 22.93 -8.68 -2.29
N GLU C 141 22.05 -9.32 -1.53
CA GLU C 141 22.11 -10.77 -1.37
C GLU C 141 21.48 -11.42 -2.58
N ASP C 142 20.52 -10.74 -3.17
CA ASP C 142 19.87 -11.28 -4.34
C ASP C 142 20.84 -11.33 -5.51
N GLU C 143 21.85 -10.46 -5.51
CA GLU C 143 22.80 -10.47 -6.60
C GLU C 143 23.90 -11.46 -6.25
N ALA C 144 24.19 -11.62 -4.97
CA ALA C 144 25.22 -12.56 -4.52
C ALA C 144 24.85 -13.93 -5.07
N ARG C 145 23.59 -14.28 -4.90
CA ARG C 145 23.03 -15.53 -5.39
C ARG C 145 22.59 -15.08 -6.78
N PHE C 146 22.11 -15.98 -7.63
CA PHE C 146 21.66 -15.56 -8.96
C PHE C 146 22.62 -14.75 -9.86
N GLY C 147 23.54 -13.98 -9.29
CA GLY C 147 24.44 -13.18 -10.12
C GLY C 147 25.10 -13.92 -11.27
N ARG C 148 25.59 -15.13 -11.01
CA ARG C 148 26.23 -15.93 -12.04
C ARG C 148 25.26 -16.13 -13.18
N ILE C 149 24.20 -16.87 -12.93
CA ILE C 149 23.19 -17.12 -13.94
C ILE C 149 22.73 -15.83 -14.60
N ARG C 150 22.79 -14.74 -13.86
CA ARG C 150 22.36 -13.46 -14.38
C ARG C 150 23.30 -12.98 -15.46
N ASP C 151 24.58 -13.25 -15.24
CA ASP C 151 25.63 -12.88 -16.17
C ASP C 151 25.46 -13.67 -17.46
N LEU C 152 25.40 -14.99 -17.32
CA LEU C 152 25.21 -15.87 -18.45
C LEU C 152 24.00 -15.43 -19.23
N GLU C 153 22.95 -15.08 -18.51
CA GLU C 153 21.74 -14.63 -19.15
C GLU C 153 22.00 -13.42 -20.04
N ALA C 154 22.71 -12.41 -19.53
CA ALA C 154 23.01 -11.22 -20.31
C ALA C 154 23.68 -11.59 -21.60
N LYS C 155 24.74 -12.38 -21.48
CA LYS C 155 25.50 -12.85 -22.61
C LYS C 155 24.51 -13.42 -23.61
N HIS C 156 23.78 -14.44 -23.19
CA HIS C 156 22.83 -15.15 -24.05
C HIS C 156 21.80 -14.35 -24.86
N PHE C 157 21.17 -13.35 -24.27
CA PHE C 157 20.18 -12.61 -25.04
C PHE C 157 20.82 -11.48 -25.79
N LYS C 158 22.12 -11.31 -25.57
CA LYS C 158 22.86 -10.27 -26.26
C LYS C 158 23.16 -10.75 -27.68
N LYS C 159 23.27 -12.08 -27.84
CA LYS C 159 23.56 -12.65 -29.15
C LYS C 159 22.25 -12.87 -29.93
N ASN C 160 22.29 -12.69 -31.24
CA ASN C 160 21.11 -12.89 -32.10
C ASN C 160 20.78 -14.37 -32.24
N VAL C 161 19.49 -14.68 -32.18
CA VAL C 161 19.03 -16.06 -32.31
C VAL C 161 19.14 -16.51 -33.77
N GLU C 162 19.22 -17.82 -33.98
CA GLU C 162 19.38 -18.39 -35.31
C GLU C 162 18.10 -18.52 -36.14
N GLU C 163 18.23 -18.08 -37.40
CA GLU C 163 17.18 -18.13 -38.41
C GLU C 163 15.75 -17.75 -38.04
N GLN C 164 14.89 -17.86 -39.05
CA GLN C 164 13.47 -17.56 -38.99
C GLN C 164 13.17 -16.11 -38.60
N LEU C 165 12.91 -15.27 -39.61
CA LEU C 165 12.61 -13.86 -39.38
C LEU C 165 11.17 -13.62 -38.96
N ASN C 166 10.27 -14.52 -39.34
CA ASN C 166 8.85 -14.40 -38.98
C ASN C 166 8.64 -14.63 -37.48
N LYS C 167 9.48 -15.47 -36.89
CA LYS C 167 9.43 -15.78 -35.46
C LYS C 167 10.21 -14.72 -34.67
N ARG C 168 11.28 -14.20 -35.25
CA ARG C 168 12.07 -13.17 -34.59
C ARG C 168 11.32 -11.85 -34.56
N VAL C 169 10.41 -11.64 -35.52
CA VAL C 169 9.65 -10.41 -35.55
C VAL C 169 8.70 -10.36 -34.35
N GLY C 170 7.58 -11.07 -34.45
CA GLY C 170 6.62 -11.12 -33.36
C GLY C 170 5.62 -9.98 -33.27
N HIS C 171 6.00 -8.92 -32.54
CA HIS C 171 5.15 -7.74 -32.34
C HIS C 171 4.21 -7.38 -33.50
N VAL C 172 4.70 -6.56 -34.43
CA VAL C 172 3.92 -6.11 -35.59
C VAL C 172 2.70 -5.31 -35.10
N TYR C 173 2.68 -4.02 -35.46
CA TYR C 173 1.61 -3.11 -35.06
C TYR C 173 0.22 -3.45 -35.58
N LYS C 174 -0.35 -4.54 -35.06
CA LYS C 174 -1.69 -4.97 -35.44
C LYS C 174 -2.64 -4.44 -34.37
N LYS C 175 -3.83 -5.03 -34.26
CA LYS C 175 -4.82 -4.59 -33.27
C LYS C 175 -4.92 -5.56 -32.07
N ALA C 176 -4.52 -6.81 -32.28
CA ALA C 176 -4.55 -7.83 -31.23
C ALA C 176 -3.37 -7.61 -30.26
N PHE C 177 -3.55 -7.98 -28.99
CA PHE C 177 -2.49 -7.82 -28.00
C PHE C 177 -1.89 -9.13 -27.56
N MET C 178 -0.61 -9.06 -27.18
CA MET C 178 0.12 -10.23 -26.74
C MET C 178 -0.73 -11.14 -25.87
N GLN C 179 -0.65 -12.44 -26.11
CA GLN C 179 -1.44 -13.38 -25.34
C GLN C 179 -0.56 -14.06 -24.32
N VAL C 180 -1.08 -14.31 -23.13
CA VAL C 180 -0.29 -14.97 -22.10
C VAL C 180 0.11 -16.38 -22.51
N VAL C 181 1.09 -16.95 -21.81
CA VAL C 181 1.55 -18.29 -22.13
C VAL C 181 0.75 -19.35 -21.39
N GLU C 182 0.87 -20.61 -21.82
CA GLU C 182 0.13 -21.69 -21.17
C GLU C 182 0.94 -22.30 -20.04
N ALA C 183 0.41 -22.23 -18.83
CA ALA C 183 1.13 -22.78 -17.69
C ALA C 183 1.61 -24.18 -17.97
N ASP C 184 0.81 -24.95 -18.70
CA ASP C 184 1.18 -26.32 -18.99
C ASP C 184 2.39 -26.42 -19.94
N MET C 185 2.54 -25.44 -20.82
CA MET C 185 3.64 -25.44 -21.77
C MET C 185 4.85 -24.66 -21.28
N LEU C 186 5.02 -24.58 -19.96
CA LEU C 186 6.16 -23.86 -19.38
C LEU C 186 7.26 -24.83 -18.99
N SER C 187 8.49 -24.50 -19.37
CA SER C 187 9.63 -25.34 -19.05
C SER C 187 9.81 -25.52 -17.54
N LYS C 188 10.34 -26.67 -17.12
CA LYS C 188 10.56 -26.91 -15.71
C LYS C 188 11.50 -25.85 -15.19
N GLY C 189 12.56 -25.57 -15.96
CA GLY C 189 13.54 -24.56 -15.54
C GLY C 189 12.98 -23.20 -15.17
N LEU C 190 11.74 -22.94 -15.53
CA LEU C 190 11.09 -21.68 -15.23
C LEU C 190 10.31 -21.75 -13.92
N LEU C 191 10.04 -22.97 -13.47
CA LEU C 191 9.32 -23.20 -12.21
C LEU C 191 10.28 -22.75 -11.12
N GLY C 192 10.06 -21.53 -10.63
CA GLY C 192 10.92 -20.95 -9.62
C GLY C 192 10.96 -21.63 -8.26
N GLY C 193 11.77 -21.07 -7.39
CA GLY C 193 11.90 -21.60 -6.04
C GLY C 193 12.89 -20.78 -5.24
N GLU C 194 12.80 -20.90 -3.93
CA GLU C 194 13.68 -20.16 -3.03
C GLU C 194 13.64 -18.67 -3.27
N ALA C 195 12.67 -18.03 -2.63
CA ALA C 195 12.46 -16.61 -2.74
C ALA C 195 12.60 -15.99 -1.36
N TRP C 196 13.44 -16.58 -0.53
CA TRP C 196 13.64 -16.06 0.80
C TRP C 196 15.10 -15.82 1.15
N SER C 197 15.36 -14.70 1.82
CA SER C 197 16.73 -14.35 2.20
C SER C 197 17.28 -15.42 3.11
N SER C 198 18.56 -15.72 2.98
CA SER C 198 19.12 -16.74 3.81
C SER C 198 20.20 -16.25 4.76
N TRP C 199 20.47 -14.95 4.74
CA TRP C 199 21.51 -14.38 5.58
C TRP C 199 21.07 -13.92 6.96
N HIS C 200 21.83 -14.20 7.99
CA HIS C 200 21.40 -13.69 9.28
C HIS C 200 21.21 -12.18 9.09
N LYS C 201 20.17 -11.64 9.71
CA LYS C 201 19.88 -10.24 9.61
C LYS C 201 21.09 -9.43 10.01
N GLU C 202 21.84 -9.91 10.99
CA GLU C 202 23.02 -9.14 11.42
C GLU C 202 23.94 -8.96 10.23
N ASP C 203 24.20 -10.05 9.52
CA ASP C 203 25.07 -9.97 8.35
C ASP C 203 24.46 -9.04 7.34
N SER C 204 23.17 -9.25 7.10
CA SER C 204 22.46 -8.45 6.14
C SER C 204 22.66 -6.98 6.43
N ILE C 205 22.31 -6.54 7.64
CA ILE C 205 22.46 -5.14 8.03
C ILE C 205 23.91 -4.70 7.82
N HIS C 206 24.84 -5.54 8.25
CA HIS C 206 26.27 -5.27 8.11
C HIS C 206 26.57 -4.83 6.70
N VAL C 207 26.22 -5.66 5.74
CA VAL C 207 26.45 -5.29 4.37
C VAL C 207 25.82 -3.92 4.16
N GLY C 208 24.51 -3.84 4.33
CA GLY C 208 23.77 -2.60 4.17
C GLY C 208 24.55 -1.36 4.59
N VAL C 209 24.74 -1.20 5.89
CA VAL C 209 25.46 -0.07 6.47
C VAL C 209 26.74 0.36 5.75
N ARG C 210 27.55 -0.60 5.34
CA ARG C 210 28.78 -0.25 4.67
C ARG C 210 28.45 0.35 3.33
N CYS C 211 27.63 -0.32 2.55
CA CYS C 211 27.25 0.25 1.26
C CYS C 211 26.87 1.73 1.42
N ILE C 212 25.99 2.01 2.38
CA ILE C 212 25.53 3.35 2.69
C ILE C 212 26.69 4.26 3.00
N GLU C 213 27.50 3.78 3.93
CA GLU C 213 28.70 4.45 4.41
C GLU C 213 29.55 4.88 3.22
N MET C 214 29.61 4.04 2.20
CA MET C 214 30.38 4.36 1.00
C MET C 214 29.67 5.34 0.09
N LEU C 215 28.33 5.26 0.04
CA LEU C 215 27.59 6.18 -0.78
C LEU C 215 28.05 7.54 -0.31
N ILE C 216 27.79 7.84 0.96
CA ILE C 216 28.19 9.12 1.51
C ILE C 216 29.59 9.57 1.16
N GLU C 217 30.56 8.70 1.37
CA GLU C 217 31.96 9.03 1.09
C GLU C 217 32.14 9.60 -0.31
N SER C 218 31.92 8.75 -1.31
CA SER C 218 32.07 9.10 -2.71
C SER C 218 31.16 10.23 -3.19
N THR C 219 29.91 10.20 -2.79
CA THR C 219 28.96 11.21 -3.24
C THR C 219 28.11 11.58 -2.05
N GLY C 220 28.12 12.84 -1.65
CA GLY C 220 27.31 13.22 -0.52
C GLY C 220 25.83 13.11 -0.86
N MET C 221 25.40 12.02 -1.49
CA MET C 221 24.00 11.90 -1.85
C MET C 221 23.10 11.93 -0.63
N VAL C 222 23.50 11.30 0.48
CA VAL C 222 22.66 11.35 1.68
C VAL C 222 23.50 11.62 2.91
N SER C 223 22.82 11.88 4.03
CA SER C 223 23.53 12.10 5.28
C SER C 223 22.80 11.41 6.42
N LEU C 224 23.51 11.13 7.50
CA LEU C 224 22.92 10.45 8.62
C LEU C 224 22.60 11.48 9.67
N HIS C 225 21.36 11.50 10.15
CA HIS C 225 21.00 12.49 11.17
C HIS C 225 20.51 11.81 12.46
N ARG C 226 21.02 12.25 13.60
CA ARG C 226 20.62 11.71 14.90
C ARG C 226 19.29 12.30 15.30
N GLN C 227 18.29 11.46 15.51
CA GLN C 227 16.95 11.95 15.88
C GLN C 227 16.55 11.74 17.32
N ASN C 228 16.25 12.84 18.03
CA ASN C 228 15.83 12.77 19.43
C ASN C 228 16.83 12.12 20.35
N ALA C 229 18.05 12.62 20.35
CA ALA C 229 19.08 12.07 21.19
C ALA C 229 18.72 12.17 22.68
N GLY C 230 18.20 11.08 23.23
CA GLY C 230 17.83 11.08 24.64
C GLY C 230 16.58 10.29 24.97
N VAL C 231 15.54 10.45 24.16
CA VAL C 231 14.30 9.73 24.39
C VAL C 231 14.49 8.25 24.19
N VAL C 232 14.17 7.49 25.22
CA VAL C 232 14.29 6.04 25.20
C VAL C 232 13.30 5.38 24.25
N GLY C 233 12.29 6.12 23.80
CA GLY C 233 11.32 5.49 22.93
C GLY C 233 11.20 6.12 21.57
N GLN C 234 11.99 7.15 21.33
CA GLN C 234 11.94 7.86 20.07
C GLN C 234 13.30 8.03 19.40
N ASP C 235 14.37 8.08 20.20
CA ASP C 235 15.71 8.26 19.65
C ASP C 235 15.91 7.37 18.43
N SER C 236 16.69 7.87 17.46
CA SER C 236 17.00 7.13 16.23
C SER C 236 18.02 7.84 15.34
N GLU C 237 18.40 7.16 14.26
CA GLU C 237 19.37 7.68 13.32
C GLU C 237 18.73 7.51 11.94
N THR C 238 18.59 8.59 11.18
CA THR C 238 17.96 8.49 9.87
C THR C 238 18.78 9.04 8.71
N ILE C 239 18.42 8.59 7.51
CA ILE C 239 19.08 9.00 6.28
C ILE C 239 18.30 10.17 5.69
N GLU C 240 19.01 11.24 5.32
CA GLU C 240 18.35 12.40 4.73
C GLU C 240 19.00 12.69 3.40
N LEU C 241 18.17 12.87 2.38
CA LEU C 241 18.68 13.19 1.07
C LEU C 241 19.31 14.58 1.16
N ALA C 242 20.62 14.65 0.96
CA ALA C 242 21.38 15.90 1.01
C ALA C 242 20.67 16.99 0.23
N PRO C 243 20.63 18.22 0.78
CA PRO C 243 19.98 19.39 0.17
C PRO C 243 20.17 19.58 -1.32
N GLU C 244 21.36 20.04 -1.72
CA GLU C 244 21.63 20.26 -3.14
C GLU C 244 21.11 19.15 -4.03
N TYR C 245 21.20 17.91 -3.53
CA TYR C 245 20.72 16.78 -4.30
C TYR C 245 19.22 16.75 -4.33
N ALA C 246 18.58 17.07 -3.22
CA ALA C 246 17.13 17.08 -3.19
C ALA C 246 16.61 18.16 -4.14
N GLU C 247 17.23 19.33 -4.10
CA GLU C 247 16.81 20.44 -4.94
C GLU C 247 16.93 20.17 -6.43
N ALA C 248 17.76 19.23 -6.81
CA ALA C 248 17.89 18.96 -8.22
C ALA C 248 16.72 18.11 -8.70
N ILE C 249 16.29 17.18 -7.86
CA ILE C 249 15.18 16.31 -8.19
C ILE C 249 13.89 17.10 -8.42
N ALA C 250 13.70 18.14 -7.62
CA ALA C 250 12.51 18.97 -7.75
C ALA C 250 12.67 19.98 -8.87
N THR C 251 13.88 20.51 -9.01
CA THR C 251 14.15 21.51 -10.03
C THR C 251 14.36 21.00 -11.43
N ARG C 252 15.40 20.20 -11.63
CA ARG C 252 15.70 19.68 -12.96
C ARG C 252 14.63 18.77 -13.54
N ALA C 253 14.84 18.37 -14.79
CA ALA C 253 13.90 17.48 -15.47
C ALA C 253 14.54 16.13 -15.72
N GLY C 254 14.07 15.11 -15.02
CA GLY C 254 14.63 13.79 -15.21
C GLY C 254 15.99 13.60 -14.57
N ALA C 255 16.13 14.09 -13.34
CA ALA C 255 17.37 13.94 -12.64
C ALA C 255 17.52 12.46 -12.28
N LEU C 256 16.39 11.76 -12.20
CA LEU C 256 16.37 10.34 -11.85
C LEU C 256 16.20 9.56 -13.12
N ALA C 257 16.78 10.07 -14.19
CA ALA C 257 16.69 9.47 -15.51
C ALA C 257 17.01 7.98 -15.58
N GLY C 258 18.14 7.57 -15.02
CA GLY C 258 18.48 6.16 -15.09
C GLY C 258 18.41 5.49 -13.74
N ILE C 259 17.35 5.76 -12.99
CA ILE C 259 17.20 5.15 -11.68
C ILE C 259 15.77 4.63 -11.59
N SER C 260 15.56 3.41 -12.06
CA SER C 260 14.24 2.81 -12.04
C SER C 260 14.01 1.97 -10.82
N PRO C 261 12.80 2.04 -10.26
CA PRO C 261 12.44 1.28 -9.07
C PRO C 261 12.88 -0.17 -9.14
N MET C 262 12.93 -0.82 -8.00
CA MET C 262 13.34 -2.19 -7.94
C MET C 262 12.51 -3.07 -8.85
N PHE C 263 11.19 -2.88 -8.82
CA PHE C 263 10.29 -3.66 -9.62
C PHE C 263 9.58 -2.82 -10.65
N GLN C 264 9.85 -3.08 -11.92
CA GLN C 264 9.25 -2.34 -13.02
C GLN C 264 8.19 -3.12 -13.70
N PRO C 265 7.40 -2.45 -14.53
CA PRO C 265 6.34 -3.13 -15.25
C PRO C 265 6.89 -4.22 -16.15
N CYS C 266 6.07 -4.62 -17.12
CA CYS C 266 6.44 -5.65 -18.06
C CYS C 266 6.05 -5.24 -19.43
N VAL C 267 6.82 -5.72 -20.39
CA VAL C 267 6.56 -5.41 -21.78
C VAL C 267 5.84 -6.56 -22.46
N VAL C 268 5.78 -7.69 -21.77
CA VAL C 268 5.09 -8.87 -22.29
C VAL C 268 4.28 -9.47 -21.17
N PRO C 269 3.22 -10.22 -21.50
CA PRO C 269 2.40 -10.83 -20.45
C PRO C 269 3.23 -11.59 -19.39
N PRO C 270 2.96 -11.32 -18.10
CA PRO C 270 3.65 -11.92 -16.94
C PRO C 270 3.56 -13.44 -16.85
N LYS C 271 4.66 -14.08 -16.48
CA LYS C 271 4.69 -15.53 -16.32
C LYS C 271 3.59 -15.93 -15.34
N PRO C 272 2.70 -16.85 -15.77
CA PRO C 272 1.58 -17.34 -14.96
C PRO C 272 2.08 -18.01 -13.69
N TRP C 273 1.25 -18.02 -12.65
CA TRP C 273 1.59 -18.64 -11.37
C TRP C 273 1.13 -20.09 -11.39
N THR C 274 2.05 -21.00 -11.10
CA THR C 274 1.74 -22.42 -11.12
C THR C 274 2.06 -22.99 -9.75
N GLY C 275 2.81 -22.22 -8.99
CA GLY C 275 3.18 -22.68 -7.68
C GLY C 275 3.32 -21.56 -6.69
N ILE C 276 3.85 -21.92 -5.52
CA ILE C 276 4.04 -21.00 -4.43
C ILE C 276 4.98 -19.85 -4.79
N THR C 277 5.97 -20.09 -5.65
CA THR C 277 6.93 -19.04 -6.04
C THR C 277 7.32 -19.01 -7.51
N GLY C 278 8.17 -18.04 -7.83
CA GLY C 278 8.66 -17.89 -9.18
C GLY C 278 7.67 -17.47 -10.26
N GLY C 279 6.63 -16.73 -9.87
CA GLY C 279 5.69 -16.29 -10.87
C GLY C 279 5.96 -14.88 -11.31
N GLY C 280 5.09 -14.33 -12.15
CA GLY C 280 5.22 -12.95 -12.61
C GLY C 280 6.40 -12.62 -13.51
N TYR C 281 7.54 -12.27 -12.91
CA TYR C 281 8.73 -11.93 -13.68
C TYR C 281 9.28 -13.16 -14.42
N TRP C 282 10.12 -12.95 -15.42
CA TRP C 282 10.66 -14.07 -16.19
C TRP C 282 12.11 -14.51 -15.95
N ALA C 283 13.06 -13.60 -16.13
CA ALA C 283 14.48 -13.91 -15.94
C ALA C 283 14.76 -14.85 -14.78
N ASN C 284 15.79 -15.68 -14.94
CA ASN C 284 16.19 -16.62 -13.90
C ASN C 284 17.42 -16.09 -13.23
N GLY C 285 17.84 -14.91 -13.66
CA GLY C 285 19.00 -14.28 -13.08
C GLY C 285 18.55 -13.37 -11.98
N ARG C 286 17.30 -13.54 -11.55
CA ARG C 286 16.77 -12.71 -10.50
C ARG C 286 16.33 -13.52 -9.30
N ARG C 287 15.93 -12.82 -8.26
CA ARG C 287 15.44 -13.48 -7.07
C ARG C 287 13.98 -13.66 -7.37
N PRO C 288 13.50 -14.91 -7.45
CA PRO C 288 12.09 -15.18 -7.73
C PRO C 288 11.15 -14.48 -6.74
N LEU C 289 9.91 -14.25 -7.15
CA LEU C 289 8.94 -13.60 -6.29
C LEU C 289 8.32 -14.65 -5.39
N ALA C 290 7.17 -14.36 -4.81
CA ALA C 290 6.55 -15.34 -3.93
C ALA C 290 5.07 -15.08 -3.88
N LEU C 291 4.28 -16.07 -4.25
CA LEU C 291 2.84 -15.89 -4.23
C LEU C 291 2.36 -15.12 -2.99
N VAL C 292 2.81 -15.55 -1.81
CA VAL C 292 2.41 -14.90 -0.57
C VAL C 292 3.57 -14.28 0.18
N ARG C 293 3.47 -12.99 0.44
CA ARG C 293 4.49 -12.30 1.18
C ARG C 293 4.32 -12.78 2.60
N THR C 294 5.39 -13.25 3.22
CA THR C 294 5.27 -13.74 4.58
C THR C 294 6.39 -13.29 5.49
N HIS C 295 6.17 -13.45 6.80
CA HIS C 295 7.19 -13.04 7.75
C HIS C 295 8.35 -14.04 7.79
N SER C 296 8.15 -15.25 7.28
CA SER C 296 9.23 -16.23 7.30
C SER C 296 9.18 -17.21 6.15
N LYS C 297 10.20 -18.07 6.08
CA LYS C 297 10.31 -19.08 5.04
C LYS C 297 9.30 -20.18 5.30
N LYS C 298 9.45 -20.83 6.44
CA LYS C 298 8.57 -21.92 6.80
C LYS C 298 7.12 -21.46 6.69
N ALA C 299 6.85 -20.24 7.16
CA ALA C 299 5.52 -19.67 7.11
C ALA C 299 4.99 -19.68 5.69
N LEU C 300 5.89 -19.49 4.73
CA LEU C 300 5.50 -19.47 3.32
C LEU C 300 5.48 -20.86 2.75
N MET C 301 6.11 -21.79 3.45
CA MET C 301 6.13 -23.15 2.94
C MET C 301 4.82 -23.87 3.22
N ARG C 302 4.02 -23.33 4.13
CA ARG C 302 2.73 -23.92 4.46
C ARG C 302 1.79 -23.86 3.27
N TYR C 303 2.24 -23.24 2.19
CA TYR C 303 1.42 -23.12 0.99
C TYR C 303 2.02 -23.99 -0.10
N GLU C 304 3.08 -24.71 0.25
CA GLU C 304 3.75 -25.55 -0.71
C GLU C 304 2.81 -26.38 -1.55
N ASP C 305 2.00 -27.21 -0.91
CA ASP C 305 1.07 -28.03 -1.67
C ASP C 305 -0.33 -27.92 -1.14
N VAL C 306 -0.93 -26.73 -1.27
CA VAL C 306 -2.26 -26.54 -0.75
C VAL C 306 -3.38 -27.00 -1.67
N TYR C 307 -3.43 -26.45 -2.88
CA TYR C 307 -4.46 -26.76 -3.84
C TYR C 307 -5.57 -25.73 -3.65
N MET C 308 -5.53 -24.70 -4.48
CA MET C 308 -6.48 -23.60 -4.46
C MET C 308 -6.50 -23.04 -5.87
N PRO C 309 -7.08 -23.80 -6.81
CA PRO C 309 -7.20 -23.45 -8.22
C PRO C 309 -7.81 -22.07 -8.45
N GLU C 310 -8.81 -21.71 -7.65
CA GLU C 310 -9.44 -20.42 -7.82
C GLU C 310 -8.53 -19.24 -7.49
N VAL C 311 -7.71 -19.39 -6.46
CA VAL C 311 -6.82 -18.33 -6.06
C VAL C 311 -5.83 -18.02 -7.17
N TYR C 312 -5.17 -19.05 -7.67
CA TYR C 312 -4.22 -18.90 -8.75
C TYR C 312 -4.93 -18.33 -9.96
N LYS C 313 -6.07 -18.91 -10.30
CA LYS C 313 -6.82 -18.44 -11.46
C LYS C 313 -7.10 -16.95 -11.37
N ALA C 314 -7.64 -16.50 -10.24
CA ALA C 314 -7.94 -15.08 -10.04
C ALA C 314 -6.69 -14.25 -10.30
N ILE C 315 -5.58 -14.64 -9.66
CA ILE C 315 -4.31 -13.96 -9.81
C ILE C 315 -3.86 -13.89 -11.25
N ASN C 316 -3.69 -15.07 -11.87
CA ASN C 316 -3.24 -15.11 -13.25
C ASN C 316 -4.08 -14.28 -14.19
N ILE C 317 -5.37 -14.20 -13.90
CA ILE C 317 -6.28 -13.41 -14.74
C ILE C 317 -5.95 -11.95 -14.56
N ALA C 318 -5.74 -11.57 -13.31
CA ALA C 318 -5.43 -10.18 -12.98
C ALA C 318 -4.18 -9.68 -13.67
N GLN C 319 -3.14 -10.49 -13.68
CA GLN C 319 -1.89 -10.10 -14.31
C GLN C 319 -2.11 -9.68 -15.73
N ASN C 320 -2.90 -10.48 -16.44
CA ASN C 320 -3.18 -10.23 -17.84
C ASN C 320 -3.63 -8.89 -18.32
N THR C 321 -4.35 -8.17 -17.49
CA THR C 321 -4.82 -6.89 -17.90
C THR C 321 -3.71 -6.02 -18.45
N ALA C 322 -3.85 -5.64 -19.71
CA ALA C 322 -2.86 -4.82 -20.36
C ALA C 322 -3.12 -3.35 -20.13
N TRP C 323 -2.04 -2.62 -19.85
CA TRP C 323 -2.13 -1.19 -19.61
C TRP C 323 -1.27 -0.47 -20.63
N LYS C 324 -1.43 0.84 -20.68
CA LYS C 324 -0.66 1.69 -21.58
C LYS C 324 -0.65 3.07 -20.95
N ILE C 325 0.46 3.77 -21.11
CA ILE C 325 0.56 5.10 -20.55
C ILE C 325 -0.45 6.00 -21.24
N ASN C 326 -1.07 6.87 -20.44
CA ASN C 326 -2.06 7.81 -20.92
C ASN C 326 -1.29 9.02 -21.42
N LYS C 327 -0.84 8.92 -22.67
CA LYS C 327 -0.05 9.96 -23.31
C LYS C 327 -0.40 11.38 -23.00
N LYS C 328 -1.67 11.70 -23.16
CA LYS C 328 -2.15 13.04 -22.93
C LYS C 328 -1.89 13.56 -21.54
N VAL C 329 -2.37 12.82 -20.54
CA VAL C 329 -2.19 13.24 -19.17
C VAL C 329 -0.71 13.31 -18.81
N LEU C 330 0.10 12.44 -19.41
CA LEU C 330 1.53 12.44 -19.14
C LEU C 330 2.08 13.76 -19.64
N ALA C 331 1.44 14.31 -20.66
CA ALA C 331 1.87 15.58 -21.25
C ALA C 331 1.59 16.77 -20.34
N VAL C 332 0.48 16.68 -19.61
CA VAL C 332 0.06 17.73 -18.67
C VAL C 332 0.90 17.64 -17.41
N ALA C 333 1.05 16.41 -16.91
CA ALA C 333 1.82 16.15 -15.71
C ALA C 333 3.26 16.56 -15.89
N ASN C 334 3.90 16.20 -16.99
CA ASN C 334 5.27 16.60 -17.13
C ASN C 334 5.45 18.09 -16.91
N VAL C 335 4.43 18.89 -17.20
CA VAL C 335 4.56 20.34 -17.07
C VAL C 335 4.21 21.00 -15.75
N ILE C 336 2.94 20.91 -15.37
CA ILE C 336 2.46 21.53 -14.15
C ILE C 336 3.23 21.16 -12.90
N THR C 337 3.77 19.95 -12.85
CA THR C 337 4.49 19.55 -11.64
C THR C 337 5.84 20.26 -11.51
N LYS C 338 5.99 21.39 -12.17
CA LYS C 338 7.23 22.13 -12.10
C LYS C 338 6.97 23.62 -11.97
N TRP C 339 5.76 23.95 -11.52
CA TRP C 339 5.36 25.33 -11.34
C TRP C 339 5.57 25.78 -9.90
N LYS C 340 6.09 26.99 -9.69
CA LYS C 340 6.32 27.44 -8.33
C LYS C 340 4.99 27.58 -7.62
N HIS C 341 3.91 27.31 -8.33
CA HIS C 341 2.55 27.38 -7.76
C HIS C 341 1.64 26.56 -8.64
N CYS C 342 1.76 25.25 -8.51
CA CYS C 342 0.96 24.35 -9.30
C CYS C 342 -0.54 24.51 -9.04
N PRO C 343 -1.39 24.34 -10.07
CA PRO C 343 -2.83 24.47 -9.89
C PRO C 343 -3.40 23.34 -9.07
N VAL C 344 -2.65 22.23 -9.00
CA VAL C 344 -3.10 21.09 -8.22
C VAL C 344 -2.60 21.34 -6.80
N GLU C 345 -3.49 21.75 -5.92
CA GLU C 345 -3.10 22.04 -4.54
C GLU C 345 -2.60 20.84 -3.73
N ASP C 346 -2.00 19.86 -4.39
CA ASP C 346 -1.51 18.69 -3.69
C ASP C 346 -0.12 18.31 -4.10
N ILE C 347 0.24 18.67 -5.32
CA ILE C 347 1.56 18.39 -5.83
C ILE C 347 2.52 19.10 -4.89
N PRO C 348 3.42 18.36 -4.22
CA PRO C 348 4.39 18.98 -3.30
C PRO C 348 5.08 20.21 -3.87
N ALA C 349 5.09 21.29 -3.09
CA ALA C 349 5.69 22.56 -3.50
C ALA C 349 7.17 22.44 -3.84
N ILE C 350 7.66 23.33 -4.68
CA ILE C 350 9.06 23.32 -5.07
C ILE C 350 9.95 24.08 -4.09
N GLU C 351 9.54 25.30 -3.76
CA GLU C 351 10.29 26.13 -2.83
C GLU C 351 10.01 25.73 -1.39
N ARG C 352 11.05 25.35 -0.67
CA ARG C 352 10.94 24.92 0.71
C ARG C 352 10.14 25.95 1.51
N GLU C 353 9.59 25.51 2.63
CA GLU C 353 8.81 26.42 3.45
C GLU C 353 9.73 26.93 4.55
N GLU C 354 9.95 28.25 4.57
CA GLU C 354 10.84 28.87 5.56
C GLU C 354 10.32 28.80 6.99
N LEU C 355 11.19 28.39 7.91
CA LEU C 355 10.86 28.26 9.31
C LEU C 355 10.20 29.53 9.88
N PRO C 356 9.43 29.39 10.96
CA PRO C 356 8.77 30.55 11.56
C PRO C 356 9.77 31.51 12.23
N MET C 357 9.42 32.79 12.30
CA MET C 357 10.30 33.78 12.92
C MET C 357 10.27 33.64 14.44
N LYS C 358 11.36 34.03 15.10
CA LYS C 358 11.45 33.97 16.56
C LYS C 358 11.09 35.35 17.14
N PRO C 359 10.29 35.39 18.23
CA PRO C 359 9.90 36.67 18.86
C PRO C 359 11.05 37.48 19.46
N GLU C 360 12.29 37.09 19.13
CA GLU C 360 13.51 37.74 19.59
C GLU C 360 13.70 37.48 21.10
N ASP C 361 12.58 37.26 21.77
CA ASP C 361 12.55 37.00 23.20
C ASP C 361 13.08 35.59 23.48
N ILE C 362 14.40 35.48 23.46
CA ILE C 362 15.08 34.21 23.68
C ILE C 362 15.05 33.76 25.14
N ASP C 363 15.23 34.71 26.06
CA ASP C 363 15.26 34.43 27.49
C ASP C 363 13.89 34.33 28.18
N MET C 364 12.82 34.26 27.38
CA MET C 364 11.48 34.13 27.93
C MET C 364 10.95 32.72 27.63
N ASN C 365 10.29 32.13 28.63
CA ASN C 365 9.75 30.79 28.49
C ASN C 365 8.26 30.73 28.82
N PRO C 366 7.52 31.84 28.66
CA PRO C 366 6.09 31.74 28.99
C PRO C 366 5.44 30.67 28.13
N GLU C 367 5.89 30.61 26.88
CA GLU C 367 5.40 29.66 25.89
C GLU C 367 6.24 29.85 24.63
N ALA C 368 7.05 30.90 24.61
CA ALA C 368 7.90 31.18 23.46
C ALA C 368 8.70 29.94 23.12
N LEU C 369 9.93 29.85 23.62
CA LEU C 369 10.78 28.69 23.36
C LEU C 369 10.30 27.48 24.17
N THR C 370 8.98 27.28 24.16
CA THR C 370 8.32 26.17 24.85
C THR C 370 7.46 25.47 23.78
N ALA C 371 6.72 26.29 23.02
CA ALA C 371 5.85 25.83 21.95
C ALA C 371 6.48 26.12 20.58
N TRP C 372 7.45 27.04 20.56
CA TRP C 372 8.14 27.36 19.32
C TRP C 372 8.85 26.11 18.86
N LYS C 373 9.23 25.27 19.82
CA LYS C 373 9.89 24.01 19.48
C LYS C 373 8.88 23.22 18.65
N ARG C 374 7.61 23.31 19.03
CA ARG C 374 6.53 22.61 18.31
C ARG C 374 6.33 23.26 16.94
N ALA C 375 6.17 24.58 16.92
CA ALA C 375 5.97 25.32 15.68
C ALA C 375 6.98 24.85 14.63
N ALA C 376 8.26 25.05 14.91
CA ALA C 376 9.31 24.64 13.98
C ALA C 376 9.20 23.15 13.67
N ALA C 377 8.91 22.34 14.69
CA ALA C 377 8.80 20.91 14.49
C ALA C 377 7.93 20.60 13.29
N ALA C 378 6.66 21.03 13.37
CA ALA C 378 5.72 20.79 12.28
C ALA C 378 6.35 21.13 10.94
N VAL C 379 6.81 22.37 10.79
CA VAL C 379 7.44 22.79 9.55
C VAL C 379 8.47 21.74 9.12
N TYR C 380 9.33 21.31 10.05
CA TYR C 380 10.35 20.30 9.74
C TYR C 380 9.71 18.96 9.40
N ARG C 381 8.68 18.60 10.15
CA ARG C 381 7.96 17.37 9.92
C ARG C 381 7.42 17.36 8.48
N LYS C 382 7.04 18.54 8.00
CA LYS C 382 6.49 18.70 6.63
C LYS C 382 7.53 18.76 5.53
N ASP C 383 8.61 19.49 5.77
CA ASP C 383 9.61 19.57 4.73
C ASP C 383 10.08 18.17 4.37
N LYS C 384 10.27 17.33 5.37
CA LYS C 384 10.72 15.97 5.11
C LYS C 384 9.67 15.25 4.25
N ALA C 385 8.40 15.34 4.68
CA ALA C 385 7.29 14.71 3.98
C ALA C 385 7.21 15.20 2.54
N ARG C 386 7.18 16.51 2.37
CA ARG C 386 7.10 17.10 1.07
C ARG C 386 8.31 16.66 0.25
N LYS C 387 9.49 16.63 0.84
CA LYS C 387 10.66 16.22 0.08
C LYS C 387 10.53 14.82 -0.44
N SER C 388 10.12 13.90 0.41
CA SER C 388 10.01 12.50 0.01
C SER C 388 8.82 12.26 -0.90
N ARG C 389 7.87 13.19 -0.90
CA ARG C 389 6.70 13.01 -1.77
C ARG C 389 7.14 13.41 -3.17
N ARG C 390 8.08 14.34 -3.26
CA ARG C 390 8.61 14.81 -4.53
C ARG C 390 9.31 13.68 -5.28
N ILE C 391 10.03 12.85 -4.53
CA ILE C 391 10.80 11.73 -5.07
C ILE C 391 9.87 10.67 -5.59
N SER C 392 8.84 10.38 -4.81
CA SER C 392 7.93 9.35 -5.24
C SER C 392 7.30 9.83 -6.54
N LEU C 393 6.93 11.10 -6.57
CA LEU C 393 6.32 11.66 -7.76
C LEU C 393 7.31 11.54 -8.91
N GLU C 394 8.52 12.03 -8.71
CA GLU C 394 9.50 11.97 -9.78
C GLU C 394 9.72 10.56 -10.28
N PHE C 395 9.66 9.57 -9.39
CA PHE C 395 9.86 8.16 -9.74
C PHE C 395 8.80 7.69 -10.71
N MET C 396 7.58 8.13 -10.42
CA MET C 396 6.42 7.79 -11.19
C MET C 396 6.53 8.44 -12.56
N LEU C 397 6.84 9.73 -12.58
CA LEU C 397 6.99 10.45 -13.83
C LEU C 397 8.06 9.80 -14.68
N GLU C 398 9.18 9.42 -14.07
CA GLU C 398 10.25 8.78 -14.81
C GLU C 398 9.70 7.50 -15.39
N GLN C 399 9.04 6.72 -14.55
CA GLN C 399 8.46 5.45 -14.97
C GLN C 399 7.39 5.64 -16.05
N ALA C 400 6.60 6.70 -15.92
CA ALA C 400 5.56 7.02 -16.90
C ALA C 400 6.21 7.39 -18.25
N ASN C 401 7.06 8.41 -18.27
CA ASN C 401 7.73 8.79 -19.50
C ASN C 401 8.53 7.65 -20.08
N LYS C 402 9.01 6.74 -19.26
CA LYS C 402 9.81 5.66 -19.81
C LYS C 402 9.01 4.68 -20.65
N PHE C 403 7.72 4.54 -20.38
CA PHE C 403 6.89 3.60 -21.15
C PHE C 403 5.75 4.30 -21.90
N ALA C 404 5.83 5.62 -21.98
CA ALA C 404 4.83 6.43 -22.66
C ALA C 404 4.53 5.96 -24.07
N ASN C 405 5.55 5.43 -24.74
CA ASN C 405 5.36 4.96 -26.11
C ASN C 405 5.02 3.51 -26.24
N HIS C 406 5.48 2.69 -25.31
CA HIS C 406 5.19 1.27 -25.34
C HIS C 406 3.73 1.06 -25.69
N LYS C 407 3.44 0.21 -26.68
CA LYS C 407 2.06 -0.05 -27.07
C LYS C 407 1.28 -0.53 -25.85
N ALA C 408 1.91 -1.40 -25.07
CA ALA C 408 1.26 -1.93 -23.89
C ALA C 408 2.27 -2.38 -22.83
N ILE C 409 1.78 -2.49 -21.60
CA ILE C 409 2.60 -2.93 -20.49
C ILE C 409 1.66 -3.69 -19.55
N TRP C 410 2.25 -4.60 -18.77
CA TRP C 410 1.52 -5.46 -17.83
C TRP C 410 2.12 -5.31 -16.44
N PHE C 411 1.43 -5.83 -15.43
CA PHE C 411 1.89 -5.77 -14.03
C PHE C 411 1.83 -7.10 -13.30
N PRO C 412 2.96 -7.59 -12.78
CA PRO C 412 2.86 -8.87 -12.07
C PRO C 412 2.19 -8.68 -10.71
N TYR C 413 1.48 -9.70 -10.22
CA TYR C 413 0.81 -9.58 -8.93
C TYR C 413 1.23 -10.53 -7.83
N ASN C 414 1.03 -10.06 -6.60
CA ASN C 414 1.39 -10.74 -5.34
C ASN C 414 0.27 -10.72 -4.32
N MET C 415 0.46 -11.42 -3.22
CA MET C 415 -0.56 -11.37 -2.18
C MET C 415 0.03 -11.14 -0.79
N ASP C 416 -0.74 -10.51 0.10
CA ASP C 416 -0.27 -10.29 1.45
C ASP C 416 -0.70 -11.53 2.21
N TRP C 417 -0.26 -11.70 3.45
CA TRP C 417 -0.61 -12.90 4.18
C TRP C 417 -2.12 -13.12 4.39
N ARG C 418 -2.93 -12.13 4.03
CA ARG C 418 -4.35 -12.28 4.20
C ARG C 418 -4.99 -12.63 2.86
N GLY C 419 -4.30 -12.33 1.78
CA GLY C 419 -4.88 -12.64 0.50
C GLY C 419 -4.85 -11.41 -0.39
N ARG C 420 -5.33 -10.28 0.12
CA ARG C 420 -5.33 -9.03 -0.66
C ARG C 420 -4.27 -9.07 -1.73
N VAL C 421 -4.70 -8.73 -2.94
CA VAL C 421 -3.86 -8.75 -4.11
C VAL C 421 -3.14 -7.45 -4.30
N TYR C 422 -1.89 -7.51 -4.73
CA TYR C 422 -1.13 -6.30 -4.95
C TYR C 422 -0.35 -6.35 -6.24
N ALA C 423 -0.09 -5.17 -6.81
CA ALA C 423 0.71 -5.07 -8.03
C ALA C 423 2.13 -4.93 -7.49
N VAL C 424 3.05 -5.72 -8.04
CA VAL C 424 4.42 -5.70 -7.55
C VAL C 424 5.19 -4.41 -7.83
N SER C 425 5.07 -3.93 -9.06
CA SER C 425 5.78 -2.71 -9.49
C SER C 425 5.47 -1.46 -8.67
N MET C 426 6.43 -0.56 -8.53
CA MET C 426 6.20 0.66 -7.76
C MET C 426 5.14 1.55 -8.35
N PHE C 427 5.24 1.75 -9.67
CA PHE C 427 4.32 2.55 -10.46
C PHE C 427 3.29 1.54 -10.90
N ASN C 428 2.12 1.55 -10.29
CA ASN C 428 1.12 0.57 -10.67
C ASN C 428 -0.28 1.13 -10.53
N PRO C 429 -1.29 0.41 -11.05
CA PRO C 429 -2.68 0.83 -11.00
C PRO C 429 -3.24 1.06 -9.61
N GLN C 430 -2.49 0.69 -8.58
CA GLN C 430 -3.04 0.89 -7.25
C GLN C 430 -2.47 2.15 -6.63
N GLY C 431 -1.81 2.96 -7.44
CA GLY C 431 -1.19 4.18 -6.93
C GLY C 431 -2.10 5.31 -6.51
N ASN C 432 -1.60 6.54 -6.60
CA ASN C 432 -2.38 7.72 -6.24
C ASN C 432 -2.89 8.38 -7.50
N ASP C 433 -3.70 9.43 -7.32
CA ASP C 433 -4.31 10.20 -8.41
C ASP C 433 -3.46 10.34 -9.64
N MET C 434 -2.33 10.99 -9.50
CA MET C 434 -1.50 11.17 -10.66
C MET C 434 -1.08 9.86 -11.24
N THR C 435 -0.63 8.97 -10.36
CA THR C 435 -0.21 7.69 -10.84
C THR C 435 -1.36 7.06 -11.58
N LYS C 436 -2.55 7.08 -10.98
CA LYS C 436 -3.69 6.48 -11.66
C LYS C 436 -4.02 7.17 -12.98
N GLY C 437 -4.10 8.50 -12.96
CA GLY C 437 -4.40 9.24 -14.18
C GLY C 437 -3.43 8.99 -15.33
N LEU C 438 -2.18 8.69 -15.02
CA LEU C 438 -1.17 8.45 -16.03
C LEU C 438 -1.38 7.10 -16.69
N LEU C 439 -2.25 6.30 -16.12
CA LEU C 439 -2.50 5.02 -16.70
C LEU C 439 -3.92 4.90 -17.21
N THR C 440 -4.10 3.94 -18.11
CA THR C 440 -5.38 3.62 -18.72
C THR C 440 -5.22 2.26 -19.33
N LEU C 441 -6.34 1.60 -19.58
CA LEU C 441 -6.35 0.27 -20.17
C LEU C 441 -5.92 0.20 -21.63
N ALA C 442 -5.19 -0.86 -21.96
CA ALA C 442 -4.67 -1.09 -23.31
C ALA C 442 -5.71 -1.12 -24.43
N LYS C 443 -6.65 -2.08 -24.36
CA LYS C 443 -7.70 -2.22 -25.37
C LYS C 443 -9.05 -1.80 -24.84
N GLY C 444 -9.86 -1.24 -25.73
CA GLY C 444 -11.19 -0.82 -25.33
C GLY C 444 -12.22 -1.36 -26.30
N LYS C 445 -13.44 -0.89 -26.15
CA LYS C 445 -14.51 -1.27 -27.03
C LYS C 445 -15.25 0.03 -27.29
N PRO C 446 -16.23 -0.02 -28.20
CA PRO C 446 -16.99 1.20 -28.50
C PRO C 446 -17.89 1.49 -27.29
N ILE C 447 -17.73 2.69 -26.74
CA ILE C 447 -18.45 3.12 -25.56
C ILE C 447 -19.94 2.81 -25.58
N GLY C 448 -20.65 3.36 -26.53
CA GLY C 448 -22.08 3.11 -26.61
C GLY C 448 -22.86 3.83 -25.53
N LYS C 449 -24.16 3.98 -25.75
CA LYS C 449 -25.00 4.67 -24.78
C LYS C 449 -24.77 4.13 -23.39
N GLU C 450 -24.62 2.81 -23.27
CA GLU C 450 -24.38 2.19 -21.97
C GLU C 450 -23.10 2.75 -21.36
N GLY C 451 -22.02 2.75 -22.14
CA GLY C 451 -20.75 3.25 -21.64
C GLY C 451 -20.70 4.74 -21.37
N TYR C 452 -21.09 5.53 -22.36
CA TYR C 452 -21.10 6.97 -22.23
C TYR C 452 -21.76 7.34 -20.94
N TYR C 453 -22.77 6.57 -20.57
CA TYR C 453 -23.50 6.84 -19.35
C TYR C 453 -22.57 6.78 -18.15
N TRP C 454 -22.04 5.58 -17.88
CA TRP C 454 -21.13 5.38 -16.76
C TRP C 454 -19.81 6.15 -16.86
N LEU C 455 -19.37 6.44 -18.07
CA LEU C 455 -18.15 7.22 -18.24
C LEU C 455 -18.42 8.55 -17.60
N LYS C 456 -19.68 8.96 -17.63
CA LYS C 456 -20.07 10.24 -17.05
C LYS C 456 -20.39 10.02 -15.60
N ILE C 457 -20.65 8.77 -15.23
CA ILE C 457 -20.93 8.47 -13.84
C ILE C 457 -19.61 8.51 -13.12
N HIS C 458 -18.58 8.02 -13.79
CA HIS C 458 -17.27 7.99 -13.20
C HIS C 458 -16.76 9.41 -13.05
N GLY C 459 -16.78 10.18 -14.13
CA GLY C 459 -16.31 11.56 -14.05
C GLY C 459 -16.94 12.34 -12.91
N ALA C 460 -18.18 11.99 -12.57
CA ALA C 460 -18.87 12.66 -11.48
C ALA C 460 -18.18 12.19 -10.23
N ASN C 461 -18.09 10.88 -10.10
CA ASN C 461 -17.44 10.29 -8.96
C ASN C 461 -16.06 10.86 -8.82
N CYS C 462 -15.37 11.02 -9.94
CA CYS C 462 -14.03 11.58 -9.95
C CYS C 462 -13.99 12.93 -9.26
N ALA C 463 -15.14 13.58 -9.06
CA ALA C 463 -15.20 14.86 -8.37
C ALA C 463 -15.93 14.51 -7.09
N GLY C 464 -15.97 15.42 -6.12
CA GLY C 464 -16.64 15.08 -4.87
C GLY C 464 -18.15 14.84 -4.90
N VAL C 465 -18.66 14.40 -6.04
CA VAL C 465 -20.08 14.16 -6.19
C VAL C 465 -20.40 12.69 -6.25
N ASP C 466 -20.36 12.02 -5.11
CA ASP C 466 -20.66 10.59 -5.09
C ASP C 466 -21.54 10.22 -3.92
N LYS C 467 -22.12 11.24 -3.30
CA LYS C 467 -22.98 11.05 -2.16
C LYS C 467 -24.41 11.33 -2.61
N VAL C 468 -24.64 11.27 -3.90
CA VAL C 468 -25.97 11.56 -4.44
C VAL C 468 -26.42 10.47 -5.42
N PRO C 469 -27.73 10.41 -5.74
CA PRO C 469 -28.21 9.39 -6.68
C PRO C 469 -27.64 9.53 -8.08
N PHE C 470 -27.45 8.42 -8.77
CA PHE C 470 -26.90 8.45 -10.11
C PHE C 470 -27.49 9.56 -10.99
N PRO C 471 -28.80 9.53 -11.24
CA PRO C 471 -29.30 10.62 -12.09
C PRO C 471 -28.73 12.00 -11.76
N GLU C 472 -28.79 12.38 -10.48
CA GLU C 472 -28.29 13.67 -10.07
C GLU C 472 -26.78 13.82 -10.32
N ARG C 473 -26.06 12.70 -10.34
CA ARG C 473 -24.63 12.81 -10.61
C ARG C 473 -24.50 13.20 -12.07
N ILE C 474 -25.33 12.59 -12.91
CA ILE C 474 -25.30 12.86 -14.35
C ILE C 474 -25.58 14.32 -14.63
N LYS C 475 -26.55 14.87 -13.91
CA LYS C 475 -26.91 16.26 -14.07
C LYS C 475 -25.63 17.09 -14.01
N PHE C 476 -24.96 17.01 -12.86
CA PHE C 476 -23.71 17.74 -12.61
C PHE C 476 -22.77 17.66 -13.80
N ILE C 477 -22.60 16.47 -14.36
CA ILE C 477 -21.70 16.31 -15.49
C ILE C 477 -22.11 17.10 -16.73
N GLU C 478 -23.36 16.95 -17.14
CA GLU C 478 -23.86 17.64 -18.33
C GLU C 478 -23.98 19.12 -18.03
N GLU C 479 -24.33 19.46 -16.81
CA GLU C 479 -24.45 20.85 -16.46
C GLU C 479 -23.10 21.56 -16.55
N ASN C 480 -22.01 20.82 -16.76
CA ASN C 480 -20.69 21.45 -16.87
C ASN C 480 -20.05 21.11 -18.20
N HIS C 481 -20.89 20.84 -19.19
CA HIS C 481 -20.39 20.47 -20.50
C HIS C 481 -19.32 21.41 -21.02
N GLU C 482 -19.63 22.70 -21.13
CA GLU C 482 -18.62 23.62 -21.63
C GLU C 482 -17.33 23.61 -20.80
N ASN C 483 -17.45 23.40 -19.50
CA ASN C 483 -16.27 23.34 -18.65
C ASN C 483 -15.45 22.13 -19.03
N ILE C 484 -16.08 20.95 -18.97
CA ILE C 484 -15.42 19.70 -19.30
C ILE C 484 -14.70 19.76 -20.66
N MET C 485 -15.37 20.37 -21.63
CA MET C 485 -14.84 20.51 -22.98
C MET C 485 -13.71 21.55 -23.06
N ALA C 486 -13.83 22.60 -22.26
CA ALA C 486 -12.81 23.63 -22.25
C ALA C 486 -11.49 23.04 -21.77
N CYS C 487 -11.51 22.46 -20.57
CA CYS C 487 -10.34 21.85 -19.97
C CYS C 487 -9.70 20.80 -20.86
N ALA C 488 -10.53 19.89 -21.37
CA ALA C 488 -10.02 18.85 -22.24
C ALA C 488 -9.28 19.52 -23.38
N LYS C 489 -9.89 20.58 -23.90
CA LYS C 489 -9.31 21.30 -25.02
C LYS C 489 -7.94 21.88 -24.70
N SER C 490 -7.91 22.88 -23.84
CA SER C 490 -6.65 23.51 -23.44
C SER C 490 -6.50 23.40 -21.91
N PRO C 491 -6.01 22.23 -21.44
CA PRO C 491 -5.80 21.93 -20.02
C PRO C 491 -4.89 22.89 -19.28
N LEU C 492 -3.87 23.42 -19.94
CA LEU C 492 -2.97 24.36 -19.29
C LEU C 492 -3.54 25.77 -19.20
N GLU C 493 -4.81 25.95 -19.57
CA GLU C 493 -5.43 27.26 -19.53
C GLU C 493 -6.75 27.23 -18.76
N ASN C 494 -7.48 26.12 -18.88
CA ASN C 494 -8.75 25.94 -18.18
C ASN C 494 -8.44 24.87 -17.14
N THR C 495 -7.99 25.31 -15.97
CA THR C 495 -7.60 24.41 -14.89
C THR C 495 -8.73 24.00 -13.98
N TRP C 496 -9.95 24.22 -14.39
CA TRP C 496 -11.06 23.86 -13.54
C TRP C 496 -10.89 22.42 -13.06
N TRP C 497 -10.39 21.54 -13.92
CA TRP C 497 -10.22 20.15 -13.53
C TRP C 497 -9.27 19.94 -12.36
N ALA C 498 -8.18 20.70 -12.34
CA ALA C 498 -7.16 20.62 -11.31
C ALA C 498 -7.71 21.09 -9.96
N GLU C 499 -8.95 21.56 -9.95
CA GLU C 499 -9.56 22.00 -8.72
C GLU C 499 -10.50 20.94 -8.20
N GLN C 500 -10.44 19.76 -8.81
CA GLN C 500 -11.33 18.67 -8.43
C GLN C 500 -10.66 17.67 -7.47
N ASP C 501 -11.46 16.91 -6.71
CA ASP C 501 -10.90 15.94 -5.79
C ASP C 501 -9.84 15.08 -6.41
N SER C 502 -10.21 14.32 -7.43
CA SER C 502 -9.25 13.49 -8.13
C SER C 502 -8.93 14.23 -9.39
N PRO C 503 -8.01 15.19 -9.31
CA PRO C 503 -7.66 15.96 -10.50
C PRO C 503 -7.21 15.17 -11.72
N PHE C 504 -5.99 14.66 -11.69
CA PHE C 504 -5.50 13.93 -12.83
C PHE C 504 -6.45 12.88 -13.40
N CYS C 505 -7.25 12.27 -12.53
CA CYS C 505 -8.20 11.25 -12.94
C CYS C 505 -9.39 11.88 -13.65
N PHE C 506 -9.83 13.00 -13.13
CA PHE C 506 -10.94 13.70 -13.73
C PHE C 506 -10.41 14.18 -15.07
N LEU C 507 -9.29 14.87 -15.06
CA LEU C 507 -8.70 15.34 -16.31
C LEU C 507 -8.59 14.16 -17.25
N ALA C 508 -8.44 12.96 -16.72
CA ALA C 508 -8.30 11.84 -17.62
C ALA C 508 -9.65 11.49 -18.19
N PHE C 509 -10.68 11.91 -17.48
CA PHE C 509 -12.03 11.65 -17.90
C PHE C 509 -12.42 12.66 -18.95
N CYS C 510 -11.90 13.86 -18.84
CA CYS C 510 -12.25 14.87 -19.81
C CYS C 510 -11.73 14.47 -21.17
N PHE C 511 -10.47 14.07 -21.26
CA PHE C 511 -9.94 13.70 -22.56
C PHE C 511 -10.81 12.67 -23.25
N GLU C 512 -11.40 11.76 -22.49
CA GLU C 512 -12.25 10.73 -23.09
C GLU C 512 -13.59 11.35 -23.47
N TYR C 513 -14.25 11.96 -22.50
CA TYR C 513 -15.52 12.59 -22.73
C TYR C 513 -15.54 13.40 -24.03
N ALA C 514 -14.70 14.42 -24.11
CA ALA C 514 -14.64 15.22 -25.31
C ALA C 514 -14.48 14.27 -26.49
N GLY C 515 -13.67 13.25 -26.31
CA GLY C 515 -13.46 12.28 -27.38
C GLY C 515 -14.73 11.63 -27.89
N VAL C 516 -15.79 11.71 -27.10
CA VAL C 516 -17.04 11.12 -27.51
C VAL C 516 -17.83 12.18 -28.27
N GLN C 517 -17.69 13.43 -27.85
CA GLN C 517 -18.40 14.49 -28.54
C GLN C 517 -17.81 14.63 -29.94
N HIS C 518 -16.66 14.01 -30.16
CA HIS C 518 -15.98 14.11 -31.45
C HIS C 518 -16.05 12.84 -32.31
N HIS C 519 -16.78 11.82 -31.84
CA HIS C 519 -16.90 10.57 -32.59
C HIS C 519 -18.20 9.83 -32.32
N GLY C 520 -19.05 10.35 -31.45
CA GLY C 520 -20.30 9.65 -31.17
C GLY C 520 -20.08 8.37 -30.37
N LEU C 521 -21.14 7.62 -30.12
CA LEU C 521 -20.98 6.40 -29.34
C LEU C 521 -20.18 5.33 -30.03
N SER C 522 -19.73 5.60 -31.25
CA SER C 522 -18.94 4.61 -31.96
C SER C 522 -17.50 4.74 -31.47
N TYR C 523 -17.29 5.72 -30.59
CA TYR C 523 -15.97 5.99 -30.03
C TYR C 523 -15.46 4.80 -29.23
N ASN C 524 -14.18 4.54 -29.36
CA ASN C 524 -13.59 3.43 -28.63
C ASN C 524 -12.85 3.95 -27.40
N CYS C 525 -13.40 3.61 -26.23
CA CYS C 525 -12.84 4.07 -24.97
C CYS C 525 -12.26 2.93 -24.14
N SER C 526 -11.19 3.25 -23.41
CA SER C 526 -10.50 2.26 -22.57
C SER C 526 -10.29 2.72 -21.13
N LEU C 527 -10.62 3.97 -20.84
CA LEU C 527 -10.47 4.52 -19.50
C LEU C 527 -11.05 3.57 -18.48
N PRO C 528 -10.29 3.23 -17.43
CA PRO C 528 -10.79 2.33 -16.39
C PRO C 528 -11.71 3.03 -15.38
N LEU C 529 -12.98 2.66 -15.39
CA LEU C 529 -13.95 3.28 -14.48
C LEU C 529 -14.14 2.36 -13.28
N ALA C 530 -14.03 2.91 -12.06
CA ALA C 530 -14.17 2.05 -10.88
C ALA C 530 -15.35 2.27 -9.94
N PHE C 531 -15.81 1.18 -9.36
CA PHE C 531 -16.90 1.22 -8.42
C PHE C 531 -16.31 0.78 -7.08
N ASP C 532 -16.15 1.72 -6.15
CA ASP C 532 -15.58 1.41 -4.84
C ASP C 532 -16.62 1.02 -3.82
N GLY C 533 -16.23 0.10 -2.94
CA GLY C 533 -17.12 -0.33 -1.88
C GLY C 533 -17.33 0.80 -0.91
N SER C 534 -18.54 0.90 -0.38
CA SER C 534 -18.87 1.96 0.56
C SER C 534 -17.98 1.91 1.79
N CYS C 535 -18.12 0.85 2.58
CA CYS C 535 -17.36 0.72 3.79
C CYS C 535 -17.04 -0.74 3.95
N SER C 536 -16.04 -1.23 3.23
CA SER C 536 -15.72 -2.64 3.32
C SER C 536 -15.58 -3.06 4.75
N GLY C 537 -15.68 -4.36 4.98
CA GLY C 537 -15.58 -4.88 6.33
C GLY C 537 -16.90 -4.71 7.03
N ILE C 538 -17.40 -3.48 7.14
CA ILE C 538 -18.68 -3.29 7.80
C ILE C 538 -19.75 -3.89 6.89
N GLN C 539 -19.42 -3.98 5.61
CA GLN C 539 -20.36 -4.58 4.66
C GLN C 539 -20.29 -6.07 4.92
N HIS C 540 -19.07 -6.58 4.92
CA HIS C 540 -18.83 -7.98 5.13
C HIS C 540 -19.33 -8.50 6.45
N PHE C 541 -19.11 -7.75 7.53
CA PHE C 541 -19.60 -8.25 8.79
C PHE C 541 -21.11 -8.30 8.71
N SER C 542 -21.70 -7.24 8.16
CA SER C 542 -23.14 -7.17 8.03
C SER C 542 -23.75 -8.34 7.26
N ALA C 543 -23.06 -8.78 6.23
CA ALA C 543 -23.55 -9.90 5.45
C ALA C 543 -23.47 -11.20 6.23
N MET C 544 -22.30 -11.55 6.75
CA MET C 544 -22.17 -12.79 7.48
C MET C 544 -23.02 -12.82 8.74
N LEU C 545 -23.62 -11.69 9.11
CA LEU C 545 -24.47 -11.67 10.30
C LEU C 545 -25.88 -11.24 9.93
N ARG C 546 -26.06 -11.00 8.64
CA ARG C 546 -27.34 -10.58 8.07
C ARG C 546 -27.92 -9.42 8.86
N ASP C 547 -27.07 -8.51 9.31
CA ASP C 547 -27.55 -7.36 10.05
C ASP C 547 -28.25 -6.44 9.07
N GLU C 548 -29.50 -6.11 9.34
CA GLU C 548 -30.26 -5.23 8.47
C GLU C 548 -30.10 -3.77 8.86
N VAL C 549 -30.14 -3.51 10.15
CA VAL C 549 -29.99 -2.15 10.64
C VAL C 549 -28.65 -1.60 10.22
N GLY C 550 -27.61 -2.44 10.28
CA GLY C 550 -26.28 -2.01 9.90
C GLY C 550 -25.96 -2.10 8.43
N GLY C 551 -26.39 -3.18 7.78
CA GLY C 551 -26.12 -3.32 6.37
C GLY C 551 -26.70 -2.12 5.64
N ARG C 552 -27.94 -1.79 5.96
CA ARG C 552 -28.56 -0.64 5.32
C ARG C 552 -27.65 0.55 5.51
N ALA C 553 -27.31 0.83 6.77
CA ALA C 553 -26.43 1.93 7.14
C ALA C 553 -25.25 2.07 6.17
N VAL C 554 -24.59 0.95 5.90
CA VAL C 554 -23.47 0.94 4.98
C VAL C 554 -24.07 1.22 3.62
N ASN C 555 -24.82 0.25 3.10
CA ASN C 555 -25.51 0.39 1.83
C ASN C 555 -25.95 -0.92 1.18
N LEU C 556 -25.82 -2.03 1.89
CA LEU C 556 -26.23 -3.29 1.33
C LEU C 556 -27.63 -3.25 0.69
N LEU C 557 -28.59 -2.61 1.35
CA LEU C 557 -29.98 -2.53 0.85
C LEU C 557 -30.29 -1.28 0.02
N PRO C 558 -31.19 -1.41 -1.00
CA PRO C 558 -31.54 -0.26 -1.85
C PRO C 558 -32.22 0.87 -1.09
N SER C 559 -31.96 2.09 -1.53
CA SER C 559 -32.50 3.28 -0.90
C SER C 559 -32.60 4.33 -1.97
N GLU C 560 -33.36 5.39 -1.70
CA GLU C 560 -33.49 6.45 -2.68
C GLU C 560 -32.28 7.33 -2.56
N THR C 561 -31.67 7.26 -1.38
CA THR C 561 -30.49 8.05 -1.06
C THR C 561 -29.29 7.17 -0.69
N VAL C 562 -28.09 7.70 -0.95
CA VAL C 562 -26.85 7.00 -0.65
C VAL C 562 -26.62 7.18 0.82
N GLN C 563 -26.60 6.08 1.58
CA GLN C 563 -26.39 6.17 3.00
C GLN C 563 -24.97 6.63 3.31
N ASP C 564 -24.78 7.33 4.42
CA ASP C 564 -23.46 7.82 4.81
C ASP C 564 -23.20 7.48 6.26
N ILE C 565 -22.72 6.27 6.51
CA ILE C 565 -22.43 5.83 7.86
C ILE C 565 -21.73 6.93 8.70
N TYR C 566 -20.63 7.47 8.22
CA TYR C 566 -19.95 8.50 8.98
C TYR C 566 -20.88 9.67 9.28
N GLY C 567 -21.92 9.81 8.47
CA GLY C 567 -22.87 10.89 8.68
C GLY C 567 -24.00 10.49 9.61
N ILE C 568 -24.47 9.27 9.51
CA ILE C 568 -25.52 8.87 10.38
C ILE C 568 -24.89 8.64 11.75
N VAL C 569 -23.57 8.51 11.77
CA VAL C 569 -22.90 8.30 13.04
C VAL C 569 -22.66 9.64 13.68
N ALA C 570 -22.80 10.69 12.90
CA ALA C 570 -22.58 12.01 13.43
C ALA C 570 -23.88 12.59 13.96
N LYS C 571 -24.98 12.41 13.25
CA LYS C 571 -26.23 12.96 13.73
C LYS C 571 -26.54 12.39 15.09
N LYS C 572 -26.05 11.17 15.35
CA LYS C 572 -26.33 10.55 16.64
C LYS C 572 -25.46 11.15 17.74
N VAL C 573 -24.26 11.57 17.38
CA VAL C 573 -23.40 12.15 18.37
C VAL C 573 -24.00 13.46 18.82
N ASN C 574 -24.53 14.19 17.85
CA ASN C 574 -25.14 15.47 18.12
C ASN C 574 -26.30 15.46 19.08
N GLU C 575 -27.23 14.51 18.92
CA GLU C 575 -28.35 14.48 19.83
C GLU C 575 -27.90 14.21 21.26
N ILE C 576 -26.83 13.46 21.45
CA ILE C 576 -26.36 13.19 22.81
C ILE C 576 -25.69 14.45 23.34
N LEU C 577 -25.13 15.23 22.43
CA LEU C 577 -24.49 16.46 22.80
C LEU C 577 -25.58 17.43 23.22
N GLN C 578 -26.63 17.49 22.43
CA GLN C 578 -27.77 18.37 22.70
C GLN C 578 -28.31 18.12 24.10
N ALA C 579 -28.59 16.86 24.40
CA ALA C 579 -29.12 16.46 25.69
C ALA C 579 -28.13 16.75 26.82
N ASP C 580 -26.87 16.37 26.64
CA ASP C 580 -25.84 16.58 27.65
C ASP C 580 -25.48 18.04 27.84
N ALA C 581 -26.02 18.88 26.97
CA ALA C 581 -25.80 20.32 27.03
C ALA C 581 -26.90 20.87 27.94
N ILE C 582 -28.10 20.31 27.82
CA ILE C 582 -29.20 20.73 28.65
C ILE C 582 -28.93 20.19 30.04
N ASN C 583 -29.02 18.87 30.19
CA ASN C 583 -28.77 18.22 31.47
C ASN C 583 -27.29 17.98 31.58
N GLY C 584 -26.91 16.76 31.95
CA GLY C 584 -25.49 16.47 32.05
C GLY C 584 -24.83 16.93 33.33
N THR C 585 -23.71 16.27 33.63
CA THR C 585 -22.91 16.55 34.79
C THR C 585 -22.62 18.03 34.95
N ASP C 586 -22.13 18.40 36.15
CA ASP C 586 -21.76 19.77 36.46
C ASP C 586 -20.27 19.71 36.76
N ASN C 587 -19.53 20.72 36.29
CA ASN C 587 -18.08 20.75 36.51
C ASN C 587 -17.69 20.38 37.93
N GLU C 588 -16.87 19.35 38.05
CA GLU C 588 -16.45 18.85 39.35
C GLU C 588 -15.40 19.74 40.02
N VAL C 589 -15.19 19.48 41.31
CA VAL C 589 -14.23 20.21 42.15
C VAL C 589 -12.77 20.11 41.70
N VAL C 590 -11.95 19.37 42.46
CA VAL C 590 -10.52 19.17 42.17
C VAL C 590 -10.07 17.81 42.72
N THR C 591 -8.78 17.69 43.02
CA THR C 591 -8.22 16.45 43.59
C THR C 591 -8.05 16.60 45.10
N VAL C 592 -8.46 17.74 45.64
CA VAL C 592 -8.38 18.03 47.08
C VAL C 592 -9.53 17.34 47.84
N THR C 593 -10.58 16.96 47.10
CA THR C 593 -11.75 16.29 47.67
C THR C 593 -11.46 14.79 47.88
N ASP C 594 -10.55 14.25 47.07
CA ASP C 594 -10.15 12.83 47.14
C ASP C 594 -8.95 12.70 48.10
N GLU C 595 -8.14 13.75 48.16
CA GLU C 595 -6.96 13.80 49.03
C GLU C 595 -6.72 15.24 49.52
N ASN C 596 -7.47 15.63 50.56
CA ASN C 596 -7.39 16.96 51.16
C ASN C 596 -5.94 17.37 51.52
N THR C 597 -5.53 18.55 51.06
CA THR C 597 -4.18 19.09 51.29
C THR C 597 -3.08 18.20 50.67
N GLY C 598 -2.32 18.76 49.72
CA GLY C 598 -1.26 18.01 49.07
C GLY C 598 -1.36 17.98 47.55
N GLU C 599 -2.57 18.14 47.03
CA GLU C 599 -2.81 18.14 45.58
C GLU C 599 -3.95 19.04 45.14
N ILE C 600 -3.64 20.33 44.94
CA ILE C 600 -4.64 21.30 44.50
C ILE C 600 -4.71 21.19 42.98
N SER C 601 -3.90 20.27 42.46
CA SER C 601 -3.81 20.00 41.02
C SER C 601 -5.18 19.72 40.44
N GLU C 602 -5.21 19.36 39.16
CA GLU C 602 -6.45 19.05 38.44
C GLU C 602 -7.58 19.90 39.01
N LYS C 603 -7.35 21.22 38.99
CA LYS C 603 -8.33 22.17 39.47
C LYS C 603 -9.43 22.26 38.42
N VAL C 604 -9.80 21.10 37.86
CA VAL C 604 -10.83 21.04 36.82
C VAL C 604 -11.16 19.62 36.44
N LYS C 605 -12.44 19.32 36.33
CA LYS C 605 -12.85 17.98 35.92
C LYS C 605 -13.87 18.09 34.79
N LEU C 606 -14.66 19.16 34.80
CA LEU C 606 -15.64 19.40 33.75
C LEU C 606 -16.63 18.28 33.52
N GLY C 607 -17.90 18.59 33.73
CA GLY C 607 -18.95 17.61 33.54
C GLY C 607 -19.33 17.43 32.09
N THR C 608 -20.34 16.59 31.86
CA THR C 608 -20.81 16.32 30.52
C THR C 608 -21.49 17.56 29.91
N LYS C 609 -22.00 18.44 30.76
CA LYS C 609 -22.70 19.64 30.29
C LYS C 609 -21.78 20.61 29.59
N ALA C 610 -20.64 20.86 30.20
CA ALA C 610 -19.69 21.77 29.63
C ALA C 610 -19.06 21.14 28.41
N LEU C 611 -18.55 19.92 28.56
CA LEU C 611 -17.91 19.20 27.47
C LEU C 611 -18.73 19.16 26.19
N ALA C 612 -20.00 18.78 26.31
CA ALA C 612 -20.88 18.72 25.17
C ALA C 612 -20.92 20.08 24.48
N GLY C 613 -21.25 21.12 25.22
CA GLY C 613 -21.31 22.45 24.65
C GLY C 613 -20.07 22.81 23.87
N GLN C 614 -18.91 22.50 24.43
CA GLN C 614 -17.68 22.81 23.74
C GLN C 614 -17.74 22.16 22.39
N TRP C 615 -18.29 20.96 22.33
CA TRP C 615 -18.39 20.28 21.03
C TRP C 615 -19.39 21.00 20.15
N LEU C 616 -20.53 21.40 20.70
CA LEU C 616 -21.50 22.11 19.90
C LEU C 616 -20.97 23.46 19.47
N ALA C 617 -19.88 23.89 20.08
CA ALA C 617 -19.30 25.19 19.74
C ALA C 617 -18.34 25.03 18.60
N TYR C 618 -17.90 23.81 18.37
CA TYR C 618 -16.97 23.55 17.30
C TYR C 618 -17.72 23.14 16.04
N GLY C 619 -18.73 22.30 16.19
CA GLY C 619 -19.49 21.86 15.03
C GLY C 619 -19.85 20.38 15.02
N VAL C 620 -18.85 19.51 15.00
CA VAL C 620 -19.07 18.07 15.00
C VAL C 620 -19.88 17.64 13.79
N THR C 621 -19.18 17.55 12.68
CA THR C 621 -19.78 17.16 11.43
C THR C 621 -19.28 15.78 11.02
N ARG C 622 -19.56 15.42 9.78
CA ARG C 622 -19.15 14.16 9.21
C ARG C 622 -17.66 13.97 9.34
N SER C 623 -16.90 15.07 9.32
CA SER C 623 -15.43 15.01 9.43
C SER C 623 -15.00 14.43 10.75
N VAL C 624 -15.48 15.06 11.82
CA VAL C 624 -15.15 14.67 13.17
C VAL C 624 -15.41 13.19 13.48
N THR C 625 -15.99 12.45 12.56
CA THR C 625 -16.23 11.05 12.87
C THR C 625 -15.73 10.07 11.82
N LYS C 626 -15.38 10.59 10.64
CA LYS C 626 -14.90 9.74 9.58
C LYS C 626 -13.88 8.72 10.08
N ARG C 627 -12.64 9.17 10.27
CA ARG C 627 -11.55 8.28 10.73
C ARG C 627 -11.84 7.57 12.04
N SER C 628 -12.29 8.34 13.02
CA SER C 628 -12.60 7.80 14.32
C SER C 628 -13.40 6.51 14.20
N VAL C 629 -14.22 6.38 13.16
CA VAL C 629 -15.05 5.19 13.00
C VAL C 629 -14.58 4.18 11.96
N MET C 630 -13.92 4.66 10.92
CA MET C 630 -13.46 3.76 9.88
C MET C 630 -12.26 2.94 10.31
N THR C 631 -11.81 3.15 11.54
CA THR C 631 -10.69 2.39 12.08
C THR C 631 -11.26 1.30 12.97
N LEU C 632 -12.57 1.08 12.84
CA LEU C 632 -13.27 0.08 13.63
C LEU C 632 -12.78 -1.30 13.21
N ALA C 633 -12.57 -1.45 11.91
CA ALA C 633 -12.10 -2.69 11.30
C ALA C 633 -10.58 -2.77 11.37
N TYR C 634 -10.01 -2.18 12.43
CA TYR C 634 -8.56 -2.15 12.65
C TYR C 634 -8.27 -2.39 14.14
N GLY C 635 -9.30 -2.70 14.91
CA GLY C 635 -9.13 -2.95 16.33
C GLY C 635 -9.38 -1.75 17.23
N SER C 636 -9.98 -0.69 16.67
CA SER C 636 -10.28 0.51 17.46
C SER C 636 -11.51 0.36 18.36
N LYS C 637 -11.38 0.83 19.59
CA LYS C 637 -12.47 0.78 20.56
C LYS C 637 -12.64 2.15 21.14
N GLU C 638 -13.35 2.25 22.26
CA GLU C 638 -13.58 3.55 22.89
C GLU C 638 -12.29 4.20 23.36
N PHE C 639 -11.30 3.40 23.74
CA PHE C 639 -10.02 3.93 24.19
C PHE C 639 -9.20 4.41 23.00
N GLY C 640 -9.34 3.72 21.87
CA GLY C 640 -8.59 4.10 20.69
C GLY C 640 -8.93 5.48 20.15
N PHE C 641 -10.23 5.74 20.03
CA PHE C 641 -10.69 7.03 19.51
C PHE C 641 -10.16 8.20 20.31
N ARG C 642 -9.95 8.02 21.60
CA ARG C 642 -9.44 9.10 22.46
C ARG C 642 -8.27 9.82 21.79
N GLN C 643 -7.14 9.14 21.70
CA GLN C 643 -5.93 9.71 21.10
C GLN C 643 -6.10 9.96 19.61
N GLN C 644 -7.26 9.58 19.09
CA GLN C 644 -7.54 9.74 17.68
C GLN C 644 -8.20 11.10 17.42
N VAL C 645 -9.27 11.37 18.17
CA VAL C 645 -9.99 12.63 18.05
C VAL C 645 -9.02 13.78 18.32
N LEU C 646 -8.17 13.58 19.33
CA LEU C 646 -7.20 14.58 19.73
C LEU C 646 -6.30 15.10 18.62
N GLU C 647 -5.54 14.23 17.98
CA GLU C 647 -4.64 14.69 16.93
C GLU C 647 -5.30 14.97 15.57
N ASP C 648 -6.45 14.39 15.32
CA ASP C 648 -7.12 14.59 14.05
C ASP C 648 -8.19 15.67 14.04
N THR C 649 -8.52 16.22 15.20
CA THR C 649 -9.56 17.26 15.27
C THR C 649 -9.30 18.44 16.20
N ILE C 650 -8.92 18.13 17.46
CA ILE C 650 -8.66 19.14 18.49
C ILE C 650 -7.28 19.80 18.41
N GLN C 651 -6.26 18.95 18.31
CA GLN C 651 -4.88 19.43 18.26
C GLN C 651 -4.70 20.40 17.10
N PRO C 652 -4.95 19.94 15.86
CA PRO C 652 -4.78 20.87 14.76
C PRO C 652 -5.70 22.08 14.88
N ALA C 653 -6.76 21.96 15.70
CA ALA C 653 -7.71 23.06 15.88
C ALA C 653 -7.05 24.14 16.71
N ILE C 654 -6.48 23.72 17.83
CA ILE C 654 -5.80 24.62 18.71
C ILE C 654 -4.62 25.15 17.94
N ASP C 655 -3.85 24.22 17.39
CA ASP C 655 -2.65 24.56 16.62
C ASP C 655 -2.88 25.56 15.50
N SER C 656 -4.12 25.72 15.04
CA SER C 656 -4.38 26.69 13.96
C SER C 656 -4.59 28.06 14.59
N GLY C 657 -5.43 28.09 15.61
CA GLY C 657 -5.71 29.33 16.28
C GLY C 657 -7.12 29.28 16.80
N LYS C 658 -7.93 28.38 16.25
CA LYS C 658 -9.31 28.23 16.72
C LYS C 658 -9.30 27.17 17.81
N GLY C 659 -10.45 26.54 18.02
CA GLY C 659 -10.54 25.50 19.04
C GLY C 659 -10.21 26.05 20.40
N LEU C 660 -10.27 27.37 20.53
CA LEU C 660 -10.00 28.00 21.80
C LEU C 660 -11.09 27.63 22.79
N MET C 661 -12.08 26.85 22.38
CA MET C 661 -13.15 26.50 23.30
C MET C 661 -12.81 25.27 24.13
N PHE C 662 -11.83 24.50 23.68
CA PHE C 662 -11.39 23.31 24.38
C PHE C 662 -10.40 23.70 25.43
N THR C 663 -10.91 24.07 26.60
CA THR C 663 -10.06 24.49 27.68
C THR C 663 -9.23 23.34 28.21
N GLN C 664 -9.88 22.18 28.37
CA GLN C 664 -9.20 21.00 28.85
C GLN C 664 -9.26 19.93 27.76
N PRO C 665 -8.43 20.10 26.72
CA PRO C 665 -8.31 19.24 25.55
C PRO C 665 -8.29 17.74 25.81
N ASN C 666 -7.49 17.31 26.77
CA ASN C 666 -7.44 15.89 27.06
C ASN C 666 -8.81 15.34 27.44
N GLN C 667 -9.61 16.11 28.19
CA GLN C 667 -10.94 15.63 28.57
C GLN C 667 -11.96 15.60 27.45
N ALA C 668 -11.86 16.57 26.54
CA ALA C 668 -12.79 16.65 25.41
C ALA C 668 -12.70 15.41 24.52
N ALA C 669 -11.48 14.96 24.27
CA ALA C 669 -11.28 13.77 23.45
C ALA C 669 -11.98 12.60 24.15
N GLY C 670 -11.78 12.52 25.46
CA GLY C 670 -12.40 11.46 26.22
C GLY C 670 -13.90 11.46 26.06
N TYR C 671 -14.50 12.63 26.10
CA TYR C 671 -15.94 12.72 25.97
C TYR C 671 -16.34 12.29 24.55
N MET C 672 -15.63 12.78 23.55
CA MET C 672 -16.00 12.44 22.18
C MET C 672 -15.76 10.97 21.84
N ALA C 673 -14.62 10.43 22.27
CA ALA C 673 -14.32 9.02 22.02
C ALA C 673 -15.51 8.20 22.50
N LYS C 674 -16.01 8.54 23.68
CA LYS C 674 -17.15 7.83 24.23
C LYS C 674 -18.31 7.91 23.26
N LEU C 675 -18.78 9.13 22.99
CA LEU C 675 -19.91 9.37 22.10
C LEU C 675 -19.86 8.68 20.76
N ILE C 676 -18.70 8.70 20.12
CA ILE C 676 -18.57 8.04 18.83
C ILE C 676 -18.80 6.56 19.06
N TRP C 677 -18.00 5.97 19.95
CA TRP C 677 -18.13 4.55 20.26
C TRP C 677 -19.55 4.18 20.67
N GLU C 678 -20.12 4.90 21.61
CA GLU C 678 -21.47 4.61 22.02
C GLU C 678 -22.37 4.79 20.83
N SER C 679 -22.02 5.68 19.91
CA SER C 679 -22.86 5.90 18.74
C SER C 679 -22.76 4.79 17.72
N VAL C 680 -21.54 4.41 17.37
CA VAL C 680 -21.36 3.35 16.40
C VAL C 680 -21.92 2.04 16.91
N SER C 681 -21.64 1.74 18.17
CA SER C 681 -22.07 0.49 18.80
C SER C 681 -23.51 0.08 18.54
N VAL C 682 -24.35 1.06 18.26
CA VAL C 682 -25.75 0.81 17.99
C VAL C 682 -26.00 0.81 16.50
N THR C 683 -25.19 1.57 15.76
CA THR C 683 -25.36 1.65 14.32
C THR C 683 -24.99 0.34 13.62
N VAL C 684 -23.82 -0.20 13.95
CA VAL C 684 -23.41 -1.44 13.34
C VAL C 684 -23.18 -2.48 14.41
N VAL C 685 -24.20 -2.69 15.23
CA VAL C 685 -24.15 -3.65 16.33
C VAL C 685 -23.49 -4.96 15.95
N ALA C 686 -23.73 -5.40 14.73
CA ALA C 686 -23.17 -6.66 14.24
C ALA C 686 -21.65 -6.61 14.33
N ALA C 687 -21.03 -5.82 13.43
CA ALA C 687 -19.58 -5.68 13.38
C ALA C 687 -18.95 -5.80 14.76
N VAL C 688 -19.49 -5.05 15.72
CA VAL C 688 -18.99 -5.05 17.08
C VAL C 688 -19.09 -6.42 17.72
N GLU C 689 -20.25 -7.04 17.58
CA GLU C 689 -20.47 -8.35 18.17
C GLU C 689 -19.62 -9.45 17.53
N ALA C 690 -19.27 -9.25 16.26
CA ALA C 690 -18.45 -10.19 15.49
C ALA C 690 -16.99 -9.97 15.84
N MET C 691 -16.56 -8.73 15.85
CA MET C 691 -15.18 -8.44 16.18
C MET C 691 -14.90 -9.02 17.54
N ASN C 692 -15.89 -8.97 18.43
CA ASN C 692 -15.73 -9.50 19.78
C ASN C 692 -15.57 -11.00 19.85
N TRP C 693 -16.39 -11.71 19.10
CA TRP C 693 -16.32 -13.16 19.08
C TRP C 693 -14.97 -13.61 18.58
N LEU C 694 -14.36 -12.82 17.71
CA LEU C 694 -13.08 -13.16 17.16
C LEU C 694 -11.96 -12.82 18.13
N LYS C 695 -12.11 -11.70 18.84
CA LYS C 695 -11.09 -11.30 19.81
C LYS C 695 -11.12 -12.32 20.94
N SER C 696 -12.31 -12.79 21.25
CA SER C 696 -12.48 -13.77 22.30
C SER C 696 -12.05 -15.15 21.88
N ALA C 697 -11.64 -15.30 20.64
CA ALA C 697 -11.22 -16.61 20.19
C ALA C 697 -9.70 -16.63 20.12
N ALA C 698 -9.14 -15.62 19.46
CA ALA C 698 -7.70 -15.54 19.33
C ALA C 698 -7.10 -15.57 20.73
N LYS C 699 -7.80 -14.98 21.69
CA LYS C 699 -7.33 -14.93 23.06
C LYS C 699 -7.06 -16.31 23.61
N LEU C 700 -8.05 -17.19 23.54
CA LEU C 700 -7.86 -18.53 24.07
C LEU C 700 -6.82 -19.28 23.27
N LEU C 701 -6.91 -19.16 21.95
CA LEU C 701 -5.96 -19.83 21.09
C LEU C 701 -4.53 -19.36 21.38
N ALA C 702 -4.39 -18.15 21.91
CA ALA C 702 -3.07 -17.63 22.19
C ALA C 702 -2.63 -18.05 23.58
N ALA C 703 -3.36 -17.59 24.58
CA ALA C 703 -3.03 -17.90 25.97
C ALA C 703 -2.43 -19.30 26.15
N GLU C 704 -1.50 -19.37 27.09
CA GLU C 704 -0.81 -20.62 27.42
C GLU C 704 -1.46 -21.19 28.66
N VAL C 705 -2.34 -22.16 28.44
CA VAL C 705 -3.07 -22.80 29.53
C VAL C 705 -2.10 -23.50 30.47
N LYS C 706 -2.11 -23.06 31.73
CA LYS C 706 -1.23 -23.60 32.74
C LYS C 706 -1.97 -24.13 33.96
N ASP C 707 -1.41 -25.16 34.58
CA ASP C 707 -2.01 -25.74 35.79
C ASP C 707 -1.45 -25.02 37.02
N LYS C 708 -2.23 -25.00 38.10
CA LYS C 708 -1.78 -24.35 39.34
C LYS C 708 -0.62 -25.14 39.99
N LYS C 709 0.52 -24.49 40.12
CA LYS C 709 1.72 -25.11 40.69
C LYS C 709 1.93 -26.53 40.18
N THR C 710 2.45 -26.59 38.95
CA THR C 710 2.75 -27.81 38.23
C THR C 710 3.30 -27.28 36.92
N GLY C 711 2.80 -26.10 36.56
CA GLY C 711 3.20 -25.41 35.35
C GLY C 711 3.22 -26.26 34.11
N GLU C 712 2.71 -27.48 34.21
CA GLU C 712 2.71 -28.36 33.05
C GLU C 712 2.04 -27.68 31.86
N ILE C 713 2.56 -27.97 30.66
CA ILE C 713 2.04 -27.41 29.44
C ILE C 713 0.85 -28.23 28.98
N LEU C 714 -0.31 -27.83 29.46
CA LEU C 714 -1.54 -28.51 29.10
C LEU C 714 -1.66 -28.35 27.58
N ARG C 715 -1.42 -27.13 27.12
CA ARG C 715 -1.49 -26.82 25.70
C ARG C 715 -0.80 -25.46 25.52
N LYS C 716 0.14 -25.43 24.60
CA LYS C 716 0.92 -24.22 24.30
C LYS C 716 0.16 -23.12 23.58
N ARG C 717 0.86 -22.02 23.31
CA ARG C 717 0.28 -20.89 22.60
C ARG C 717 0.26 -21.26 21.12
N CYS C 718 -0.92 -21.31 20.52
CA CYS C 718 -1.02 -21.66 19.11
C CYS C 718 -1.42 -20.49 18.22
N ALA C 719 -1.42 -20.73 16.92
CA ALA C 719 -1.77 -19.70 15.95
C ALA C 719 -3.21 -19.83 15.47
N VAL C 720 -3.82 -18.71 15.10
CA VAL C 720 -5.19 -18.73 14.62
C VAL C 720 -5.19 -19.00 13.13
N HIS C 721 -5.84 -20.08 12.72
CA HIS C 721 -5.91 -20.45 11.30
C HIS C 721 -7.34 -20.55 10.80
N TRP C 722 -7.54 -20.27 9.52
CA TRP C 722 -8.85 -20.37 8.92
C TRP C 722 -8.66 -20.30 7.44
N VAL C 723 -9.68 -20.73 6.69
CA VAL C 723 -9.60 -20.71 5.25
C VAL C 723 -10.67 -19.81 4.65
N THR C 724 -10.33 -19.10 3.60
CA THR C 724 -11.28 -18.21 2.99
C THR C 724 -12.12 -18.89 1.93
N PRO C 725 -13.34 -18.37 1.70
CA PRO C 725 -14.26 -18.91 0.70
C PRO C 725 -13.68 -19.38 -0.63
N ASP C 726 -12.80 -18.60 -1.22
CA ASP C 726 -12.23 -19.03 -2.50
C ASP C 726 -11.11 -20.06 -2.29
N GLY C 727 -11.02 -20.52 -1.05
CA GLY C 727 -10.04 -21.54 -0.69
C GLY C 727 -8.59 -21.13 -0.53
N PHE C 728 -8.35 -20.06 0.21
CA PHE C 728 -7.00 -19.57 0.46
C PHE C 728 -6.79 -19.63 1.95
N PRO C 729 -5.97 -20.59 2.40
CA PRO C 729 -5.66 -20.77 3.81
C PRO C 729 -4.85 -19.59 4.30
N VAL C 730 -5.03 -19.24 5.57
CA VAL C 730 -4.29 -18.13 6.19
C VAL C 730 -4.03 -18.41 7.65
N TRP C 731 -2.79 -18.21 8.07
CA TRP C 731 -2.35 -18.43 9.46
C TRP C 731 -1.91 -17.09 10.04
N GLN C 732 -2.46 -16.71 11.18
CA GLN C 732 -2.06 -15.45 11.77
C GLN C 732 -1.28 -15.76 13.03
N GLU C 733 0.03 -15.57 13.00
CA GLU C 733 0.82 -15.85 14.18
C GLU C 733 1.88 -14.79 14.49
N TYR C 734 1.46 -13.76 15.23
CA TYR C 734 2.36 -12.70 15.65
C TYR C 734 3.34 -13.31 16.66
N LYS C 735 4.61 -12.95 16.56
CA LYS C 735 5.63 -13.47 17.47
C LYS C 735 6.43 -12.33 18.07
N LYS C 736 7.14 -12.63 19.16
CA LYS C 736 7.99 -11.65 19.85
C LYS C 736 9.39 -11.76 19.25
N PRO C 737 9.89 -10.68 18.64
CA PRO C 737 11.20 -10.59 18.00
C PRO C 737 12.36 -10.69 19.00
N ILE C 738 13.43 -11.37 18.61
CA ILE C 738 14.59 -11.50 19.46
C ILE C 738 15.55 -10.47 18.92
N GLN C 739 15.78 -9.39 19.68
CA GLN C 739 16.65 -8.33 19.21
C GLN C 739 18.13 -8.52 19.54
N THR C 740 18.91 -7.48 19.24
CA THR C 740 20.35 -7.41 19.50
C THR C 740 20.87 -6.14 18.83
N ARG C 741 22.10 -5.73 19.12
CA ARG C 741 22.66 -4.54 18.49
C ARG C 741 23.90 -4.97 17.73
N LEU C 742 24.55 -4.03 17.05
CA LEU C 742 25.76 -4.33 16.34
C LEU C 742 26.75 -3.22 16.66
N ASN C 743 28.05 -3.48 16.57
CA ASN C 743 29.01 -2.44 16.86
C ASN C 743 29.70 -2.12 15.54
N LEU C 744 29.28 -1.03 14.89
CA LEU C 744 29.85 -0.65 13.60
C LEU C 744 30.52 0.72 13.58
N MET C 745 31.83 0.73 13.38
CA MET C 745 32.58 1.97 13.30
C MET C 745 32.12 2.64 12.02
N PHE C 746 31.44 3.78 12.14
CA PHE C 746 30.90 4.46 10.97
C PHE C 746 31.81 5.58 10.44
N LEU C 747 32.29 5.40 9.21
CA LEU C 747 33.13 6.40 8.57
C LEU C 747 34.29 6.76 9.46
N GLY C 748 34.62 5.84 10.35
CA GLY C 748 35.70 6.04 11.28
C GLY C 748 35.45 7.25 12.15
N GLN C 749 34.18 7.64 12.27
CA GLN C 749 33.80 8.80 13.06
C GLN C 749 33.13 8.48 14.39
N PHE C 750 32.27 7.47 14.44
CA PHE C 750 31.60 7.10 15.69
C PHE C 750 31.07 5.69 15.56
N ARG C 751 30.71 5.06 16.67
CA ARG C 751 30.21 3.69 16.61
C ARG C 751 28.68 3.57 16.51
N LEU C 752 28.19 3.32 15.30
CA LEU C 752 26.75 3.16 15.08
C LEU C 752 26.39 1.79 15.64
N GLN C 753 25.49 1.72 16.62
CA GLN C 753 25.08 0.44 17.20
C GLN C 753 23.57 0.32 17.11
N PRO C 754 23.08 -0.09 15.94
CA PRO C 754 21.64 -0.25 15.71
C PRO C 754 20.95 -1.47 16.27
N THR C 755 19.76 -1.26 16.80
CA THR C 755 18.99 -2.36 17.33
C THR C 755 18.31 -2.99 16.14
N ILE C 756 18.33 -4.32 16.07
CA ILE C 756 17.69 -5.00 14.96
C ILE C 756 17.01 -6.30 15.37
N ASN C 757 15.91 -6.61 14.68
CA ASN C 757 15.14 -7.82 14.93
C ASN C 757 15.83 -8.94 14.21
N THR C 758 16.18 -9.99 14.96
CA THR C 758 16.85 -11.13 14.37
C THR C 758 15.87 -12.06 13.72
N ASN C 759 16.28 -12.66 12.62
CA ASN C 759 15.39 -13.59 11.94
C ASN C 759 14.86 -14.66 12.88
N LYS C 760 15.66 -15.08 13.87
CA LYS C 760 15.21 -16.12 14.80
C LYS C 760 14.04 -15.61 15.62
N ASP C 761 12.92 -16.33 15.56
CA ASP C 761 11.73 -15.92 16.31
C ASP C 761 11.42 -16.86 17.47
N SER C 762 10.80 -16.28 18.50
CA SER C 762 10.44 -17.03 19.70
C SER C 762 8.94 -17.11 19.97
N GLU C 763 8.61 -17.03 21.26
CA GLU C 763 7.24 -17.10 21.76
C GLU C 763 6.25 -16.28 20.95
N ILE C 764 5.00 -16.72 20.90
CA ILE C 764 3.98 -16.00 20.17
C ILE C 764 3.51 -14.82 21.00
N ASP C 765 3.17 -13.71 20.34
CA ASP C 765 2.71 -12.53 21.04
C ASP C 765 1.19 -12.55 21.18
N ALA C 766 0.69 -13.12 22.26
CA ALA C 766 -0.75 -13.24 22.48
C ALA C 766 -1.51 -11.92 22.50
N HIS C 767 -0.85 -10.85 22.90
CA HIS C 767 -1.51 -9.58 22.96
C HIS C 767 -1.79 -9.05 21.56
N LYS C 768 -0.79 -9.12 20.69
CA LYS C 768 -0.97 -8.64 19.33
C LYS C 768 -1.78 -9.64 18.54
N GLN C 769 -1.75 -10.88 19.00
CA GLN C 769 -2.48 -11.95 18.34
C GLN C 769 -3.98 -11.65 18.46
N GLU C 770 -4.37 -11.24 19.65
CA GLU C 770 -5.77 -10.93 19.97
C GLU C 770 -6.28 -9.67 19.30
N SER C 771 -5.57 -8.58 19.49
CA SER C 771 -5.95 -7.31 18.93
C SER C 771 -5.67 -7.20 17.46
N GLY C 772 -5.43 -8.32 16.81
CA GLY C 772 -5.17 -8.24 15.39
C GLY C 772 -6.06 -9.11 14.54
N ILE C 773 -6.79 -9.99 15.18
CA ILE C 773 -7.66 -10.93 14.47
C ILE C 773 -8.78 -10.31 13.66
N ALA C 774 -9.69 -9.62 14.31
CA ALA C 774 -10.79 -9.04 13.60
C ALA C 774 -10.37 -8.33 12.33
N PRO C 775 -9.60 -7.24 12.47
CA PRO C 775 -9.21 -6.53 11.24
C PRO C 775 -8.63 -7.42 10.15
N ASN C 776 -7.87 -8.43 10.54
CA ASN C 776 -7.26 -9.34 9.57
C ASN C 776 -8.25 -10.26 8.90
N PHE C 777 -9.20 -10.77 9.68
CA PHE C 777 -10.22 -11.66 9.17
C PHE C 777 -10.97 -11.05 7.99
N VAL C 778 -11.72 -9.97 8.24
CA VAL C 778 -12.46 -9.30 7.17
C VAL C 778 -11.59 -8.98 5.98
N HIS C 779 -10.44 -8.36 6.20
CA HIS C 779 -9.63 -8.08 5.04
C HIS C 779 -9.47 -9.34 4.25
N SER C 780 -9.14 -10.46 4.89
CA SER C 780 -8.97 -11.69 4.13
C SER C 780 -10.24 -12.07 3.42
N GLN C 781 -11.35 -11.79 4.09
CA GLN C 781 -12.67 -12.10 3.59
C GLN C 781 -13.02 -11.28 2.34
N ASP C 782 -12.63 -10.01 2.31
CA ASP C 782 -12.93 -9.17 1.16
C ASP C 782 -11.92 -9.40 0.06
N GLY C 783 -10.86 -10.11 0.40
CA GLY C 783 -9.82 -10.42 -0.54
C GLY C 783 -10.35 -11.52 -1.44
N SER C 784 -11.01 -12.52 -0.85
CA SER C 784 -11.55 -13.61 -1.63
C SER C 784 -12.65 -13.06 -2.53
N HIS C 785 -13.47 -12.16 -1.99
CA HIS C 785 -14.54 -11.58 -2.78
C HIS C 785 -13.92 -10.92 -4.01
N LEU C 786 -12.84 -10.16 -3.82
CA LEU C 786 -12.16 -9.51 -4.93
C LEU C 786 -11.70 -10.53 -5.95
N ARG C 787 -11.29 -11.70 -5.48
CA ARG C 787 -10.86 -12.73 -6.38
C ARG C 787 -12.05 -13.34 -7.09
N LYS C 788 -13.00 -13.88 -6.34
CA LYS C 788 -14.17 -14.47 -6.96
C LYS C 788 -14.73 -13.51 -7.99
N THR C 789 -14.71 -12.23 -7.68
CA THR C 789 -15.23 -11.23 -8.59
C THR C 789 -14.42 -11.20 -9.87
N VAL C 790 -13.14 -11.54 -9.80
CA VAL C 790 -12.39 -11.53 -11.04
C VAL C 790 -12.77 -12.75 -11.88
N VAL C 791 -12.91 -13.91 -11.25
CA VAL C 791 -13.26 -15.13 -11.99
C VAL C 791 -14.66 -15.09 -12.58
N TRP C 792 -15.61 -14.56 -11.84
CA TRP C 792 -16.96 -14.48 -12.34
C TRP C 792 -17.05 -13.47 -13.46
N ALA C 793 -16.56 -12.27 -13.22
CA ALA C 793 -16.62 -11.22 -14.24
C ALA C 793 -15.80 -11.58 -15.46
N HIS C 794 -15.13 -12.71 -15.40
CA HIS C 794 -14.33 -13.11 -16.53
C HIS C 794 -14.96 -14.26 -17.30
N GLU C 795 -15.56 -15.19 -16.57
CA GLU C 795 -16.21 -16.32 -17.19
C GLU C 795 -17.62 -15.95 -17.62
N LYS C 796 -18.45 -15.50 -16.68
CA LYS C 796 -19.82 -15.15 -17.04
C LYS C 796 -19.89 -14.02 -18.06
N TYR C 797 -19.13 -12.97 -17.85
CA TYR C 797 -19.12 -11.83 -18.76
C TYR C 797 -17.77 -11.70 -19.48
N GLY C 798 -17.74 -10.95 -20.58
CA GLY C 798 -16.53 -10.81 -21.35
C GLY C 798 -15.38 -10.10 -20.67
N ILE C 799 -15.68 -9.33 -19.63
CA ILE C 799 -14.68 -8.57 -18.88
C ILE C 799 -13.38 -9.37 -18.75
N GLU C 800 -12.33 -8.79 -19.32
CA GLU C 800 -11.01 -9.41 -19.29
C GLU C 800 -9.97 -8.40 -18.82
N SER C 801 -10.40 -7.17 -18.63
CA SER C 801 -9.49 -6.14 -18.14
C SER C 801 -9.97 -5.63 -16.79
N PHE C 802 -9.11 -5.78 -15.78
CA PHE C 802 -9.42 -5.37 -14.43
C PHE C 802 -8.45 -4.37 -13.80
N ALA C 803 -9.02 -3.42 -13.07
CA ALA C 803 -8.29 -2.38 -12.36
C ALA C 803 -8.64 -2.47 -10.89
N LEU C 804 -8.14 -3.54 -10.28
CA LEU C 804 -8.38 -3.86 -8.88
C LEU C 804 -7.59 -3.03 -7.86
N ILE C 805 -8.25 -2.61 -6.78
CA ILE C 805 -7.62 -1.87 -5.70
C ILE C 805 -8.30 -2.20 -4.38
N HIS C 806 -8.25 -3.49 -4.04
CA HIS C 806 -8.82 -4.00 -2.80
C HIS C 806 -10.34 -3.84 -2.72
N ASP C 807 -10.84 -2.66 -2.44
CA ASP C 807 -12.30 -2.51 -2.39
C ASP C 807 -12.87 -1.67 -3.55
N SER C 808 -12.12 -1.59 -4.64
CA SER C 808 -12.53 -0.82 -5.79
C SER C 808 -12.28 -1.67 -7.03
N PHE C 809 -13.32 -1.81 -7.85
CA PHE C 809 -13.26 -2.63 -9.05
C PHE C 809 -13.51 -1.77 -10.27
N GLY C 810 -12.67 -1.92 -11.28
CA GLY C 810 -12.84 -1.13 -12.47
C GLY C 810 -12.55 -1.90 -13.73
N THR C 811 -13.09 -1.36 -14.82
CA THR C 811 -13.00 -1.93 -16.16
C THR C 811 -13.30 -0.81 -17.13
N ILE C 812 -13.48 -1.19 -18.39
CA ILE C 812 -13.79 -0.24 -19.45
C ILE C 812 -15.27 0.06 -19.51
N PRO C 813 -15.61 1.29 -19.92
CA PRO C 813 -17.00 1.73 -20.04
C PRO C 813 -17.93 0.64 -20.56
N ALA C 814 -17.47 -0.11 -21.57
CA ALA C 814 -18.27 -1.17 -22.16
C ALA C 814 -18.62 -2.25 -21.16
N ASP C 815 -17.61 -2.75 -20.46
CA ASP C 815 -17.83 -3.81 -19.50
C ASP C 815 -18.28 -3.36 -18.13
N ALA C 816 -18.32 -2.05 -17.94
CA ALA C 816 -18.75 -1.50 -16.65
C ALA C 816 -20.09 -2.07 -16.23
N ALA C 817 -21.04 -2.10 -17.16
CA ALA C 817 -22.37 -2.60 -16.85
C ALA C 817 -22.37 -3.95 -16.21
N ASN C 818 -21.60 -4.86 -16.79
CA ASN C 818 -21.55 -6.21 -16.27
C ASN C 818 -20.79 -6.34 -14.95
N LEU C 819 -19.68 -5.62 -14.82
CA LEU C 819 -18.87 -5.68 -13.60
C LEU C 819 -19.65 -5.17 -12.43
N PHE C 820 -20.45 -4.15 -12.70
CA PHE C 820 -21.28 -3.51 -11.70
C PHE C 820 -22.22 -4.48 -11.04
N LYS C 821 -22.71 -5.45 -11.81
CA LYS C 821 -23.62 -6.43 -11.28
C LYS C 821 -22.82 -7.64 -10.85
N ALA C 822 -21.68 -7.85 -11.48
CA ALA C 822 -20.86 -8.99 -11.13
C ALA C 822 -20.50 -8.93 -9.66
N VAL C 823 -19.93 -7.81 -9.21
CA VAL C 823 -19.55 -7.71 -7.80
C VAL C 823 -20.69 -8.08 -6.86
N ARG C 824 -21.88 -7.59 -7.17
CA ARG C 824 -23.08 -7.88 -6.37
C ARG C 824 -23.26 -9.40 -6.36
N GLU C 825 -23.27 -10.00 -7.54
CA GLU C 825 -23.46 -11.43 -7.63
C GLU C 825 -22.58 -12.24 -6.68
N THR C 826 -21.27 -12.17 -6.89
CA THR C 826 -20.32 -12.89 -6.04
C THR C 826 -20.55 -12.56 -4.57
N MET C 827 -20.63 -11.27 -4.27
CA MET C 827 -20.85 -10.83 -2.91
C MET C 827 -21.98 -11.65 -2.32
N VAL C 828 -23.11 -11.67 -3.01
CA VAL C 828 -24.31 -12.38 -2.57
C VAL C 828 -24.09 -13.88 -2.56
N ASP C 829 -23.78 -14.43 -3.73
CA ASP C 829 -23.54 -15.86 -3.86
C ASP C 829 -22.73 -16.47 -2.72
N THR C 830 -21.69 -15.79 -2.28
CA THR C 830 -20.84 -16.35 -1.24
C THR C 830 -21.40 -16.43 0.15
N TYR C 831 -21.97 -15.33 0.62
CA TYR C 831 -22.53 -15.30 1.95
C TYR C 831 -23.85 -15.99 2.08
N GLU C 832 -24.31 -16.66 1.02
CA GLU C 832 -25.58 -17.39 1.07
C GLU C 832 -25.24 -18.85 1.28
N SER C 833 -24.07 -19.24 0.79
CA SER C 833 -23.62 -20.62 0.87
C SER C 833 -22.39 -20.77 1.73
N CYS C 834 -22.10 -19.76 2.53
CA CYS C 834 -20.93 -19.81 3.40
C CYS C 834 -21.19 -19.11 4.72
N ASP C 835 -20.94 -19.83 5.81
CA ASP C 835 -21.09 -19.28 7.16
C ASP C 835 -19.65 -19.21 7.67
N VAL C 836 -18.93 -18.19 7.24
CA VAL C 836 -17.54 -18.00 7.61
C VAL C 836 -17.28 -18.17 9.10
N LEU C 837 -18.12 -17.59 9.95
CA LEU C 837 -17.92 -17.72 11.38
C LEU C 837 -17.97 -19.19 11.82
N ALA C 838 -19.01 -19.88 11.40
CA ALA C 838 -19.16 -21.29 11.74
C ALA C 838 -17.97 -22.05 11.18
N ASP C 839 -17.64 -21.79 9.92
CA ASP C 839 -16.50 -22.42 9.29
C ASP C 839 -15.27 -22.14 10.12
N PHE C 840 -15.26 -20.99 10.79
CA PHE C 840 -14.12 -20.61 11.63
C PHE C 840 -14.11 -21.49 12.86
N TYR C 841 -15.27 -21.64 13.48
CA TYR C 841 -15.35 -22.47 14.66
C TYR C 841 -14.91 -23.88 14.33
N ASP C 842 -15.23 -24.32 13.13
CA ASP C 842 -14.83 -25.65 12.68
C ASP C 842 -13.34 -25.72 12.49
N GLN C 843 -12.64 -24.66 12.89
CA GLN C 843 -11.20 -24.62 12.75
C GLN C 843 -10.53 -24.73 14.10
N PHE C 844 -10.73 -23.72 14.94
CA PHE C 844 -10.11 -23.70 16.26
C PHE C 844 -10.82 -24.56 17.29
N ALA C 845 -11.65 -25.49 16.84
CA ALA C 845 -12.34 -26.36 17.78
C ALA C 845 -11.55 -27.66 17.92
N ASP C 846 -11.37 -28.34 16.81
CA ASP C 846 -10.66 -29.60 16.74
C ASP C 846 -9.17 -29.30 16.64
N GLN C 847 -8.82 -28.04 16.85
CA GLN C 847 -7.42 -27.64 16.79
C GLN C 847 -7.17 -26.56 17.86
N LEU C 848 -7.67 -26.79 19.07
CA LEU C 848 -7.50 -25.83 20.14
C LEU C 848 -8.19 -26.19 21.44
N HIS C 849 -7.52 -25.86 22.54
CA HIS C 849 -7.97 -26.10 23.90
C HIS C 849 -8.02 -27.58 24.24
N GLU C 850 -8.25 -27.89 25.52
CA GLU C 850 -8.35 -29.27 25.97
C GLU C 850 -9.20 -29.33 27.23
N SER C 851 -9.07 -28.28 28.04
CA SER C 851 -9.76 -28.17 29.32
C SER C 851 -10.91 -27.17 29.34
N GLN C 852 -10.58 -25.90 29.52
CA GLN C 852 -11.60 -24.83 29.57
C GLN C 852 -12.84 -25.13 28.71
N LEU C 853 -12.77 -24.76 27.42
CA LEU C 853 -13.87 -24.97 26.47
C LEU C 853 -14.96 -23.91 26.59
N ASP C 854 -15.77 -24.01 27.62
CA ASP C 854 -16.83 -23.05 27.82
C ASP C 854 -16.25 -21.63 27.94
N LYS C 855 -17.09 -20.71 28.41
CA LYS C 855 -16.74 -19.30 28.58
C LYS C 855 -16.03 -18.69 27.37
N MET C 856 -16.37 -19.19 26.19
CA MET C 856 -15.78 -18.70 24.95
C MET C 856 -16.82 -18.49 23.86
N PRO C 857 -17.41 -19.59 23.39
CA PRO C 857 -18.41 -19.53 22.32
C PRO C 857 -19.52 -18.47 22.44
N ALA C 858 -20.60 -18.73 21.72
CA ALA C 858 -21.78 -17.88 21.66
C ALA C 858 -21.81 -17.17 20.32
N LEU C 859 -21.84 -17.95 19.25
CA LEU C 859 -21.89 -17.40 17.90
C LEU C 859 -22.91 -16.28 17.87
N PRO C 860 -22.53 -15.12 17.31
CA PRO C 860 -23.46 -14.00 17.26
C PRO C 860 -24.76 -14.33 16.52
N ALA C 861 -25.83 -13.61 16.87
CA ALA C 861 -27.14 -13.80 16.27
C ALA C 861 -27.17 -13.44 14.80
N LYS C 862 -28.02 -14.12 14.03
CA LYS C 862 -28.17 -13.86 12.61
C LYS C 862 -29.27 -12.81 12.41
N GLY C 863 -29.15 -11.96 11.39
CA GLY C 863 -30.15 -10.93 11.15
C GLY C 863 -31.27 -11.30 10.20
N ASN C 864 -32.20 -10.37 10.01
CA ASN C 864 -33.37 -10.57 9.13
C ASN C 864 -33.20 -9.90 7.75
N LEU C 865 -31.96 -9.73 7.34
CA LEU C 865 -31.69 -9.11 6.05
C LEU C 865 -31.64 -10.12 4.92
N ASN C 866 -32.05 -9.67 3.74
CA ASN C 866 -32.07 -10.53 2.58
C ASN C 866 -30.91 -10.21 1.67
N LEU C 867 -29.91 -11.09 1.71
CA LEU C 867 -28.71 -10.95 0.87
C LEU C 867 -29.07 -10.76 -0.60
N ARG C 868 -30.35 -10.78 -0.91
CA ARG C 868 -30.76 -10.60 -2.29
C ARG C 868 -30.92 -9.13 -2.55
N ASP C 869 -31.32 -8.41 -1.52
CA ASP C 869 -31.51 -6.96 -1.64
C ASP C 869 -30.26 -6.31 -2.25
N ILE C 870 -29.11 -6.94 -2.03
CA ILE C 870 -27.82 -6.44 -2.54
C ILE C 870 -27.81 -6.27 -4.06
N LEU C 871 -28.25 -7.31 -4.75
CA LEU C 871 -28.31 -7.29 -6.20
C LEU C 871 -28.94 -6.00 -6.66
N GLU C 872 -30.10 -5.67 -6.11
CA GLU C 872 -30.80 -4.45 -6.48
C GLU C 872 -30.23 -3.23 -5.80
N SER C 873 -29.34 -3.42 -4.83
CA SER C 873 -28.79 -2.28 -4.10
C SER C 873 -28.03 -1.30 -4.96
N ASP C 874 -28.59 -0.13 -5.11
CA ASP C 874 -28.00 0.85 -5.97
C ASP C 874 -26.62 1.45 -5.64
N PHE C 875 -26.37 1.71 -4.37
CA PHE C 875 -25.12 2.35 -3.99
C PHE C 875 -24.23 1.52 -3.10
N ALA C 876 -24.16 0.23 -3.36
CA ALA C 876 -23.32 -0.59 -2.53
C ALA C 876 -22.34 -1.33 -3.36
N PHE C 877 -21.55 -0.62 -4.15
CA PHE C 877 -20.60 -1.35 -4.97
C PHE C 877 -19.82 -2.26 -4.05
N ALA C 878 -19.23 -3.30 -4.63
CA ALA C 878 -18.47 -4.26 -3.85
C ALA C 878 -19.37 -4.97 -2.85
#